data_9N59
#
_entry.id   9N59
#
_cell.length_a   1.00
_cell.length_b   1.00
_cell.length_c   1.00
_cell.angle_alpha   90.00
_cell.angle_beta   90.00
_cell.angle_gamma   90.00
#
_symmetry.space_group_name_H-M   'P 1'
#
_entity_poly.entity_id   1
_entity_poly.type   'polypeptide(L)'
_entity_poly.pdbx_seq_one_letter_code
;MPVINTNITSLIAQKNLSSSQSALTTAMERLSSGMRINSAKDDAAGQAIANRMSSQITGLTQAQRNANDGISVAQTTEGA
LDQINDNLQRIRELTVQAQNGTNSSEDLTSIQNEIAQRLDEIDRISQETEFNGVKVLSKDTNLNIQVGANDGQSIGISLK
QINAKTLGLDGFNVDGSGATQNSTATVTSLEGAGAVKNSTTGNYVLTTTFDEASLERMLGEMKDGDVVTVGSGASTAVEY
TFNTASGSFTYTANATNAAAYGDLADELIPPTGSSITGTYEFADGNVATFAVDASGKLTLDGQAAYVTATGELTNNATSG
ATQATLEDLFATVGAGAAGTDTSARSLTVGGVTYTGAGTTAGLSYTDTATSSDVLAASASTVASIEMHNGITSATIDFDN
TGAQSSTGTQVYVDEDGQLTTVGSYTTTFAVNADTGEVTVVDNSDTAGDYALEEGATVYVGSNGRLTTSTTSKGDVTEDP
LAALDAALASVDALRSDLGAIQNRFDSAINNLSTTTTNLSAARSRIEDADYAVEVANMTKAQILQQAGTSVLAQANQVPQ
SVLSLLG
;
_entity_poly.pdbx_strand_id   A,B
#
# COMPACT_ATOMS: atom_id res chain seq x y z
N ILE A 4 -23.18 78.50 -5.50
CA ILE A 4 -22.86 79.06 -4.20
C ILE A 4 -21.69 78.30 -3.62
N ASN A 5 -21.99 77.31 -2.78
CA ASN A 5 -20.97 76.39 -2.25
C ASN A 5 -21.21 74.96 -2.69
N THR A 6 -22.47 74.56 -2.81
CA THR A 6 -22.79 73.23 -3.27
C THR A 6 -23.15 73.25 -4.76
N ASN A 7 -22.85 72.15 -5.43
CA ASN A 7 -23.01 72.02 -6.87
C ASN A 7 -23.67 70.69 -7.21
N ILE A 8 -24.82 70.42 -6.58
CA ILE A 8 -25.46 69.11 -6.67
C ILE A 8 -25.51 68.59 -8.11
N THR A 9 -25.68 69.50 -9.07
CA THR A 9 -25.64 69.07 -10.47
C THR A 9 -24.28 68.51 -10.84
N SER A 10 -23.20 69.14 -10.37
CA SER A 10 -21.87 68.58 -10.63
C SER A 10 -21.66 67.26 -9.92
N LEU A 11 -22.25 67.09 -8.74
CA LEU A 11 -22.13 65.82 -8.04
C LEU A 11 -22.82 64.70 -8.80
N ILE A 12 -24.01 64.98 -9.34
CA ILE A 12 -24.70 63.98 -10.17
C ILE A 12 -23.90 63.69 -11.42
N ALA A 13 -23.33 64.73 -12.03
CA ALA A 13 -22.50 64.53 -13.22
C ALA A 13 -21.30 63.64 -12.90
N GLN A 14 -20.66 63.88 -11.75
CA GLN A 14 -19.52 63.07 -11.34
C GLN A 14 -19.91 61.62 -11.12
N LYS A 15 -21.05 61.39 -10.47
CA LYS A 15 -21.48 60.01 -10.23
C LYS A 15 -21.75 59.29 -11.55
N ASN A 16 -22.45 59.95 -12.47
CA ASN A 16 -22.72 59.31 -13.76
C ASN A 16 -21.44 59.08 -14.54
N LEU A 17 -20.50 60.03 -14.46
CA LEU A 17 -19.21 59.87 -15.12
C LEU A 17 -18.46 58.66 -14.59
N SER A 18 -18.46 58.50 -13.27
CA SER A 18 -17.77 57.34 -12.68
C SER A 18 -18.43 56.04 -13.11
N SER A 19 -19.77 56.00 -13.15
CA SER A 19 -20.45 54.79 -13.59
C SER A 19 -20.09 54.44 -15.04
N SER A 20 -20.11 55.46 -15.92
CA SER A 20 -19.76 55.22 -17.31
C SER A 20 -18.32 54.76 -17.45
N GLN A 21 -17.42 55.35 -16.66
CA GLN A 21 -16.02 54.94 -16.71
C GLN A 21 -15.84 53.50 -16.25
N SER A 22 -16.58 53.09 -15.22
CA SER A 22 -16.50 51.69 -14.78
C SER A 22 -16.99 50.75 -15.88
N ALA A 23 -18.10 51.10 -16.54
CA ALA A 23 -18.58 50.27 -17.64
C ALA A 23 -17.56 50.21 -18.77
N LEU A 24 -16.93 51.35 -19.07
CA LEU A 24 -15.90 51.39 -20.11
C LEU A 24 -14.73 50.49 -19.76
N THR A 25 -14.29 50.53 -18.49
CA THR A 25 -13.19 49.69 -18.07
C THR A 25 -13.53 48.21 -18.19
N THR A 26 -14.75 47.83 -17.78
CA THR A 26 -15.16 46.44 -17.92
C THR A 26 -15.17 46.00 -19.38
N ALA A 27 -15.69 46.85 -20.26
CA ALA A 27 -15.71 46.51 -21.69
C ALA A 27 -14.30 46.38 -22.24
N MET A 28 -13.40 47.31 -21.87
CA MET A 28 -12.02 47.24 -22.33
C MET A 28 -11.37 45.94 -21.89
N GLU A 29 -11.54 45.58 -20.62
CA GLU A 29 -10.91 44.38 -20.10
C GLU A 29 -11.45 43.14 -20.79
N ARG A 30 -12.76 43.09 -21.02
CA ARG A 30 -13.33 41.95 -21.73
C ARG A 30 -12.84 41.87 -23.17
N LEU A 31 -12.66 43.02 -23.82
CA LEU A 31 -12.17 43.02 -25.20
C LEU A 31 -10.73 42.54 -25.26
N SER A 32 -9.87 43.04 -24.36
CA SER A 32 -8.47 42.65 -24.39
C SER A 32 -8.28 41.20 -23.99
N SER A 33 -9.02 40.74 -22.99
CA SER A 33 -8.88 39.37 -22.51
C SER A 33 -9.50 38.36 -23.47
N GLY A 34 -10.59 38.73 -24.12
CA GLY A 34 -11.34 37.79 -24.94
C GLY A 34 -12.25 36.88 -24.17
N MET A 35 -12.40 37.10 -22.86
CA MET A 35 -13.24 36.28 -22.00
C MET A 35 -14.29 37.14 -21.32
N ARG A 36 -15.51 36.62 -21.23
CA ARG A 36 -16.57 37.35 -20.55
C ARG A 36 -16.39 37.31 -19.03
N ILE A 37 -16.03 36.13 -18.50
CA ILE A 37 -15.86 35.96 -17.06
C ILE A 37 -14.38 36.15 -16.77
N ASN A 38 -14.00 37.39 -16.46
CA ASN A 38 -12.64 37.71 -16.10
C ASN A 38 -12.41 37.69 -14.59
N SER A 39 -13.46 37.41 -13.82
CA SER A 39 -13.36 37.38 -12.37
C SER A 39 -14.63 36.70 -11.83
N ALA A 40 -14.61 36.39 -10.54
CA ALA A 40 -15.80 35.86 -9.91
C ALA A 40 -16.90 36.90 -9.80
N LYS A 41 -16.54 38.19 -9.93
CA LYS A 41 -17.54 39.25 -9.90
C LYS A 41 -18.52 39.12 -11.04
N ASP A 42 -18.06 38.67 -12.21
CA ASP A 42 -18.90 38.64 -13.40
C ASP A 42 -19.99 37.56 -13.27
N ASP A 43 -19.59 36.32 -13.00
CA ASP A 43 -20.56 35.23 -12.87
C ASP A 43 -19.91 34.15 -12.00
N ALA A 44 -20.26 34.12 -10.72
CA ALA A 44 -19.64 33.18 -9.80
C ALA A 44 -19.97 31.74 -10.16
N ALA A 45 -21.27 31.43 -10.32
CA ALA A 45 -21.66 30.09 -10.70
C ALA A 45 -21.15 29.75 -12.10
N GLY A 46 -21.22 30.71 -13.02
CA GLY A 46 -20.67 30.50 -14.34
C GLY A 46 -19.17 30.25 -14.31
N GLN A 47 -18.45 31.01 -13.47
CA GLN A 47 -17.01 30.79 -13.36
C GLN A 47 -16.71 29.40 -12.82
N ALA A 48 -17.45 28.96 -11.80
CA ALA A 48 -17.21 27.63 -11.24
C ALA A 48 -17.51 26.54 -12.26
N ILE A 49 -18.62 26.67 -12.99
CA ILE A 49 -18.97 25.66 -13.99
C ILE A 49 -17.93 25.65 -15.11
N ALA A 50 -17.48 26.83 -15.53
CA ALA A 50 -16.46 26.91 -16.57
C ALA A 50 -15.15 26.30 -16.09
N ASN A 51 -14.79 26.50 -14.82
CA ASN A 51 -13.58 25.89 -14.28
C ASN A 51 -13.68 24.37 -14.26
N ARG A 52 -14.83 23.84 -13.85
CA ARG A 52 -15.01 22.39 -13.87
C ARG A 52 -14.96 21.86 -15.29
N MET A 53 -15.55 22.57 -16.24
CA MET A 53 -15.49 22.18 -17.64
C MET A 53 -14.06 22.23 -18.16
N SER A 54 -13.29 23.22 -17.72
CA SER A 54 -11.88 23.30 -18.12
C SER A 54 -11.11 22.11 -17.61
N SER A 55 -11.35 21.73 -16.36
CA SER A 55 -10.69 20.55 -15.81
C SER A 55 -11.06 19.30 -16.59
N GLN A 56 -12.35 19.15 -16.92
CA GLN A 56 -12.79 18.00 -17.70
C GLN A 56 -12.16 17.99 -19.08
N ILE A 57 -12.07 19.15 -19.74
CA ILE A 57 -11.53 19.22 -21.09
C ILE A 57 -10.04 18.88 -21.08
N THR A 58 -9.30 19.43 -20.13
CA THR A 58 -7.88 19.11 -20.02
C THR A 58 -7.68 17.63 -19.74
N GLY A 59 -8.49 17.06 -18.84
CA GLY A 59 -8.41 15.64 -18.58
C GLY A 59 -8.73 14.81 -19.80
N LEU A 60 -9.67 15.27 -20.63
CA LEU A 60 -10.04 14.50 -21.81
C LEU A 60 -8.96 14.56 -22.87
N THR A 61 -8.29 15.71 -23.03
CA THR A 61 -7.15 15.76 -23.93
C THR A 61 -6.03 14.84 -23.47
N GLN A 62 -5.72 14.89 -22.16
CA GLN A 62 -4.70 13.98 -21.65
C GLN A 62 -5.11 12.53 -21.79
N ALA A 63 -6.42 12.25 -21.70
CA ALA A 63 -6.91 10.89 -21.90
C ALA A 63 -6.78 10.47 -23.35
N GLN A 64 -6.95 11.40 -24.29
CA GLN A 64 -6.65 11.08 -25.69
C GLN A 64 -5.20 10.70 -25.86
N ARG A 65 -4.30 11.45 -25.22
CA ARG A 65 -2.88 11.10 -25.30
C ARG A 65 -2.61 9.72 -24.70
N ASN A 66 -3.24 9.43 -23.56
CA ASN A 66 -3.05 8.12 -22.92
C ASN A 66 -3.60 6.99 -23.79
N ALA A 67 -4.74 7.22 -24.44
CA ALA A 67 -5.29 6.22 -25.33
C ALA A 67 -4.38 5.97 -26.53
N ASN A 68 -3.74 7.04 -27.03
CA ASN A 68 -2.75 6.84 -28.08
C ASN A 68 -1.58 6.01 -27.58
N ASP A 69 -1.15 6.23 -26.35
CA ASP A 69 -0.09 5.39 -25.78
C ASP A 69 -0.52 3.94 -25.68
N GLY A 70 -1.77 3.69 -25.27
CA GLY A 70 -2.27 2.33 -25.23
C GLY A 70 -2.32 1.68 -26.60
N ILE A 71 -2.71 2.45 -27.62
CA ILE A 71 -2.68 1.95 -29.00
C ILE A 71 -1.26 1.57 -29.38
N SER A 72 -0.28 2.41 -29.00
CA SER A 72 1.11 2.10 -29.30
C SER A 72 1.55 0.79 -28.64
N VAL A 73 1.16 0.59 -27.38
CA VAL A 73 1.53 -0.64 -26.68
C VAL A 73 0.93 -1.84 -27.38
N ALA A 74 -0.36 -1.78 -27.72
CA ALA A 74 -1.01 -2.90 -28.38
C ALA A 74 -0.38 -3.19 -29.74
N GLN A 75 -0.06 -2.13 -30.49
CA GLN A 75 0.56 -2.33 -31.80
C GLN A 75 1.93 -2.99 -31.67
N THR A 76 2.74 -2.55 -30.70
CA THR A 76 4.05 -3.18 -30.51
C THR A 76 3.91 -4.65 -30.14
N THR A 77 3.00 -4.97 -29.22
CA THR A 77 2.83 -6.35 -28.81
C THR A 77 2.35 -7.23 -29.97
N GLU A 78 1.40 -6.72 -30.77
CA GLU A 78 0.92 -7.50 -31.90
C GLU A 78 1.99 -7.64 -32.97
N GLY A 79 2.83 -6.62 -33.15
CA GLY A 79 3.93 -6.75 -34.09
C GLY A 79 4.91 -7.85 -33.68
N ALA A 80 5.20 -7.94 -32.38
CA ALA A 80 6.05 -9.03 -31.90
C ALA A 80 5.37 -10.39 -32.10
N LEU A 81 4.07 -10.46 -31.79
CA LEU A 81 3.34 -11.71 -31.96
C LEU A 81 3.28 -12.16 -33.41
N ASP A 82 3.31 -11.23 -34.36
CA ASP A 82 3.34 -11.62 -35.77
C ASP A 82 4.62 -12.38 -36.10
N GLN A 83 5.76 -11.91 -35.60
CA GLN A 83 7.01 -12.62 -35.81
C GLN A 83 7.01 -13.96 -35.10
N ILE A 84 6.46 -14.02 -33.90
CA ILE A 84 6.34 -15.30 -33.21
C ILE A 84 5.51 -16.27 -34.02
N ASN A 85 4.41 -15.79 -34.60
CA ASN A 85 3.56 -16.62 -35.44
C ASN A 85 4.30 -17.11 -36.67
N ASP A 86 5.10 -16.24 -37.30
CA ASP A 86 5.86 -16.66 -38.47
C ASP A 86 6.86 -17.76 -38.11
N ASN A 87 7.56 -17.61 -36.98
CA ASN A 87 8.47 -18.65 -36.54
C ASN A 87 7.72 -19.95 -36.26
N LEU A 88 6.55 -19.86 -35.63
CA LEU A 88 5.78 -21.06 -35.34
C LEU A 88 5.34 -21.77 -36.61
N GLN A 89 4.92 -21.01 -37.62
CA GLN A 89 4.52 -21.63 -38.88
C GLN A 89 5.68 -22.29 -39.59
N ARG A 90 6.87 -21.66 -39.56
CA ARG A 90 8.03 -22.31 -40.15
C ARG A 90 8.39 -23.59 -39.40
N ILE A 91 8.28 -23.57 -38.07
CA ILE A 91 8.53 -24.78 -37.29
C ILE A 91 7.53 -25.87 -37.65
N ARG A 92 6.26 -25.48 -37.87
CA ARG A 92 5.25 -26.46 -38.24
C ARG A 92 5.55 -27.08 -39.60
N GLU A 93 5.98 -26.27 -40.56
CA GLU A 93 6.34 -26.81 -41.87
C GLU A 93 7.54 -27.75 -41.76
N LEU A 94 8.53 -27.39 -40.95
CA LEU A 94 9.66 -28.29 -40.73
C LEU A 94 9.23 -29.59 -40.07
N THR A 95 8.31 -29.51 -39.12
CA THR A 95 7.82 -30.73 -38.47
C THR A 95 7.08 -31.62 -39.46
N VAL A 96 6.27 -31.03 -40.34
CA VAL A 96 5.60 -31.81 -41.37
C VAL A 96 6.64 -32.48 -42.26
N GLN A 97 7.73 -31.78 -42.56
CA GLN A 97 8.80 -32.41 -43.33
C GLN A 97 9.44 -33.56 -42.56
N ALA A 98 9.57 -33.42 -41.24
CA ALA A 98 10.30 -34.40 -40.44
C ALA A 98 9.55 -35.72 -40.31
N GLN A 99 8.22 -35.71 -40.48
CA GLN A 99 7.44 -36.92 -40.29
C GLN A 99 7.65 -37.93 -41.41
N ASN A 100 8.31 -37.55 -42.49
CA ASN A 100 8.51 -38.46 -43.61
C ASN A 100 9.41 -39.61 -43.19
N GLY A 101 9.08 -40.81 -43.66
CA GLY A 101 9.85 -42.00 -43.30
C GLY A 101 11.17 -42.12 -44.00
N THR A 102 11.37 -41.37 -45.09
CA THR A 102 12.64 -41.43 -45.80
C THR A 102 13.74 -40.63 -45.12
N ASN A 103 13.39 -39.74 -44.20
CA ASN A 103 14.39 -38.93 -43.52
C ASN A 103 15.28 -39.81 -42.65
N SER A 104 16.59 -39.61 -42.76
CA SER A 104 17.55 -40.31 -41.93
C SER A 104 17.80 -39.53 -40.64
N SER A 105 18.64 -40.08 -39.78
CA SER A 105 18.94 -39.41 -38.52
C SER A 105 19.66 -38.08 -38.76
N GLU A 106 20.56 -38.05 -39.75
CA GLU A 106 21.24 -36.81 -40.09
C GLU A 106 20.25 -35.75 -40.57
N ASP A 107 19.28 -36.15 -41.40
CA ASP A 107 18.27 -35.20 -41.85
C ASP A 107 17.41 -34.69 -40.70
N LEU A 108 17.08 -35.59 -39.77
CA LEU A 108 16.32 -35.17 -38.60
C LEU A 108 17.10 -34.16 -37.77
N THR A 109 18.40 -34.39 -37.60
CA THR A 109 19.23 -33.43 -36.88
C THR A 109 19.32 -32.10 -37.64
N SER A 110 19.42 -32.16 -38.96
CA SER A 110 19.46 -30.94 -39.75
C SER A 110 18.18 -30.12 -39.58
N ILE A 111 17.03 -30.79 -39.59
CA ILE A 111 15.76 -30.11 -39.35
C ILE A 111 15.71 -29.55 -37.93
N GLN A 112 16.20 -30.33 -36.96
CA GLN A 112 16.17 -29.90 -35.57
C GLN A 112 17.05 -28.68 -35.34
N ASN A 113 18.13 -28.54 -36.09
CA ASN A 113 18.95 -27.34 -35.96
C ASN A 113 18.13 -26.08 -36.20
N GLU A 114 17.40 -26.04 -37.32
CA GLU A 114 16.58 -24.88 -37.61
C GLU A 114 15.41 -24.76 -36.64
N ILE A 115 14.84 -25.89 -36.22
CA ILE A 115 13.73 -25.83 -35.26
C ILE A 115 14.20 -25.21 -33.95
N ALA A 116 15.37 -25.62 -33.46
CA ALA A 116 15.92 -25.06 -32.23
C ALA A 116 16.26 -23.60 -32.41
N GLN A 117 16.79 -23.22 -33.57
CA GLN A 117 17.09 -21.82 -33.83
C GLN A 117 15.81 -20.98 -33.78
N ARG A 118 14.73 -21.49 -34.36
CA ARG A 118 13.49 -20.73 -34.38
C ARG A 118 12.84 -20.66 -33.00
N LEU A 119 12.95 -21.73 -32.22
CA LEU A 119 12.47 -21.67 -30.83
C LEU A 119 13.27 -20.67 -30.02
N ASP A 120 14.59 -20.64 -30.23
CA ASP A 120 15.42 -19.64 -29.58
C ASP A 120 15.02 -18.23 -30.01
N GLU A 121 14.67 -18.07 -31.29
CA GLU A 121 14.21 -16.77 -31.78
C GLU A 121 12.90 -16.36 -31.12
N ILE A 122 11.99 -17.32 -30.92
CA ILE A 122 10.74 -17.04 -30.22
C ILE A 122 11.03 -16.56 -28.81
N ASP A 123 11.93 -17.26 -28.12
CA ASP A 123 12.28 -16.85 -26.76
C ASP A 123 12.94 -15.48 -26.74
N ARG A 124 13.80 -15.19 -27.72
CA ARG A 124 14.46 -13.90 -27.79
C ARG A 124 13.46 -12.77 -28.04
N ILE A 125 12.49 -13.01 -28.93
CA ILE A 125 11.46 -12.01 -29.17
C ILE A 125 10.65 -11.79 -27.90
N SER A 126 10.37 -12.87 -27.16
CA SER A 126 9.62 -12.73 -25.91
C SER A 126 10.38 -11.90 -24.90
N GLN A 127 11.68 -12.17 -24.73
CA GLN A 127 12.45 -11.49 -23.70
C GLN A 127 12.85 -10.07 -24.08
N GLU A 128 12.99 -9.77 -25.37
CA GLU A 128 13.54 -8.49 -25.80
C GLU A 128 12.48 -7.48 -26.20
N THR A 129 11.28 -7.92 -26.55
CA THR A 129 10.23 -6.97 -26.92
C THR A 129 9.82 -6.16 -25.70
N GLU A 130 9.93 -4.84 -25.82
CA GLU A 130 9.72 -3.96 -24.68
C GLU A 130 9.21 -2.62 -25.16
N PHE A 131 8.22 -2.08 -24.45
CA PHE A 131 7.69 -0.75 -24.70
C PHE A 131 7.87 0.07 -23.43
N ASN A 132 8.70 1.11 -23.50
CA ASN A 132 8.94 2.01 -22.37
C ASN A 132 9.39 1.23 -21.14
N GLY A 133 10.29 0.28 -21.35
CA GLY A 133 10.80 -0.51 -20.25
C GLY A 133 9.86 -1.57 -19.73
N VAL A 134 8.77 -1.84 -20.44
CA VAL A 134 7.78 -2.82 -20.02
C VAL A 134 7.88 -4.01 -20.97
N LYS A 135 8.30 -5.15 -20.45
CA LYS A 135 8.36 -6.38 -21.25
C LYS A 135 6.94 -6.89 -21.44
N VAL A 136 6.36 -6.59 -22.60
CA VAL A 136 4.95 -6.86 -22.84
C VAL A 136 4.64 -8.32 -23.06
N LEU A 137 5.65 -9.16 -23.27
CA LEU A 137 5.45 -10.57 -23.57
C LEU A 137 6.03 -11.50 -22.50
N SER A 138 6.26 -10.97 -21.30
CA SER A 138 6.94 -11.75 -20.26
C SER A 138 6.09 -12.04 -19.04
N LYS A 139 5.01 -11.28 -18.81
CA LYS A 139 4.17 -11.47 -17.63
C LYS A 139 2.71 -11.50 -18.03
N ASP A 140 1.91 -12.22 -17.23
CA ASP A 140 0.46 -12.23 -17.38
C ASP A 140 -0.10 -11.13 -16.49
N THR A 141 -0.21 -9.93 -17.04
CA THR A 141 -0.63 -8.76 -16.28
C THR A 141 -1.76 -8.04 -17.00
N ASN A 142 -2.14 -6.90 -16.44
CA ASN A 142 -3.23 -6.08 -16.96
C ASN A 142 -2.77 -4.63 -16.95
N LEU A 143 -2.51 -4.08 -18.14
CA LEU A 143 -2.09 -2.69 -18.26
C LEU A 143 -3.32 -1.79 -18.26
N ASN A 144 -3.33 -0.80 -17.38
CA ASN A 144 -4.45 0.12 -17.26
C ASN A 144 -4.15 1.42 -17.99
N ILE A 145 -4.99 1.76 -18.96
CA ILE A 145 -4.85 2.98 -19.73
C ILE A 145 -5.98 3.92 -19.31
N GLN A 146 -5.61 5.10 -18.84
CA GLN A 146 -6.61 6.07 -18.37
C GLN A 146 -7.22 6.78 -19.56
N VAL A 147 -8.52 6.53 -19.80
CA VAL A 147 -9.20 7.13 -20.95
C VAL A 147 -10.32 8.03 -20.47
N GLY A 148 -10.15 8.64 -19.29
CA GLY A 148 -11.14 9.54 -18.76
C GLY A 148 -10.50 10.60 -17.90
N ALA A 149 -11.27 11.64 -17.63
CA ALA A 149 -10.77 12.77 -16.86
C ALA A 149 -10.92 12.59 -15.36
N ASN A 150 -11.62 11.55 -14.90
CA ASN A 150 -11.85 11.32 -13.49
C ASN A 150 -11.26 9.97 -13.09
N ASP A 151 -11.42 9.63 -11.82
CA ASP A 151 -10.83 8.42 -11.27
C ASP A 151 -11.57 7.18 -11.75
N GLY A 152 -10.81 6.13 -12.07
CA GLY A 152 -11.36 4.84 -12.39
C GLY A 152 -11.69 4.62 -13.85
N GLN A 153 -11.79 5.68 -14.65
CA GLN A 153 -12.06 5.51 -16.07
C GLN A 153 -10.82 4.97 -16.76
N SER A 154 -10.78 3.66 -17.00
CA SER A 154 -9.59 3.06 -17.58
C SER A 154 -10.00 1.84 -18.39
N ILE A 155 -9.11 1.46 -19.30
CA ILE A 155 -9.29 0.29 -20.14
C ILE A 155 -8.12 -0.65 -19.89
N GLY A 156 -8.40 -1.94 -19.77
CA GLY A 156 -7.37 -2.91 -19.44
C GLY A 156 -6.92 -3.69 -20.66
N ILE A 157 -5.62 -3.67 -20.90
CA ILE A 157 -4.97 -4.53 -21.89
C ILE A 157 -4.48 -5.77 -21.15
N SER A 158 -5.03 -6.94 -21.52
CA SER A 158 -4.70 -8.18 -20.83
C SER A 158 -3.47 -8.78 -21.49
N LEU A 159 -2.30 -8.48 -20.93
CA LEU A 159 -1.04 -8.97 -21.47
C LEU A 159 -0.75 -10.36 -20.91
N LYS A 160 -0.18 -11.21 -21.76
CA LYS A 160 0.12 -12.58 -21.39
C LYS A 160 1.58 -12.88 -21.68
N GLN A 161 2.12 -13.84 -20.95
CA GLN A 161 3.50 -14.27 -21.12
C GLN A 161 3.56 -15.34 -22.20
N ILE A 162 4.30 -15.07 -23.27
CA ILE A 162 4.37 -15.96 -24.43
C ILE A 162 5.84 -16.27 -24.68
N ASN A 163 6.27 -17.46 -24.27
CA ASN A 163 7.58 -17.98 -24.61
C ASN A 163 7.43 -19.43 -25.06
N ALA A 164 8.56 -20.07 -25.37
CA ALA A 164 8.52 -21.45 -25.84
C ALA A 164 8.03 -22.41 -24.77
N LYS A 165 8.03 -22.00 -23.50
CA LYS A 165 7.54 -22.83 -22.42
C LYS A 165 6.04 -22.69 -22.22
N THR A 166 5.55 -21.45 -22.13
CA THR A 166 4.11 -21.24 -21.94
C THR A 166 3.29 -21.68 -23.14
N LEU A 167 3.91 -21.81 -24.31
CA LEU A 167 3.22 -22.34 -25.47
C LEU A 167 3.21 -23.87 -25.49
N GLY A 168 3.87 -24.51 -24.53
CA GLY A 168 3.91 -25.95 -24.49
C GLY A 168 4.92 -26.58 -25.40
N LEU A 169 5.94 -25.83 -25.82
CA LEU A 169 6.94 -26.31 -26.76
C LEU A 169 8.31 -26.48 -26.11
N ASP A 170 8.36 -26.52 -24.79
CA ASP A 170 9.63 -26.76 -24.10
C ASP A 170 10.13 -28.17 -24.42
N GLY A 171 11.37 -28.27 -24.86
CA GLY A 171 11.92 -29.56 -25.25
C GLY A 171 11.26 -30.14 -26.49
N PHE A 172 10.90 -29.31 -27.44
CA PHE A 172 10.29 -29.80 -28.68
C PHE A 172 11.37 -30.36 -29.59
N ASN A 173 11.19 -31.62 -30.01
CA ASN A 173 12.19 -32.31 -30.82
C ASN A 173 11.54 -33.02 -31.99
N VAL A 174 12.32 -33.22 -33.05
CA VAL A 174 11.97 -34.18 -34.09
C VAL A 174 12.92 -35.37 -34.11
N ASP A 175 14.14 -35.22 -33.60
CA ASP A 175 15.06 -36.30 -33.32
C ASP A 175 15.03 -36.59 -31.82
N GLY A 176 15.97 -37.41 -31.35
CA GLY A 176 15.99 -37.74 -29.93
C GLY A 176 16.07 -36.55 -29.01
N SER A 177 17.23 -35.86 -29.01
CA SER A 177 17.45 -34.66 -28.21
C SER A 177 16.79 -34.70 -26.84
N GLY A 178 15.79 -33.85 -26.63
CA GLY A 178 14.99 -33.90 -25.41
C GLY A 178 15.52 -33.07 -24.26
N ALA A 179 14.63 -32.37 -23.57
CA ALA A 179 14.99 -31.57 -22.41
C ALA A 179 14.42 -32.14 -21.11
N THR A 180 13.09 -32.29 -21.03
CA THR A 180 12.41 -32.96 -19.93
C THR A 180 12.86 -32.36 -18.58
N GLN A 181 12.41 -31.13 -18.37
CA GLN A 181 12.69 -30.41 -17.13
C GLN A 181 12.41 -31.29 -15.92
N ASN A 182 13.40 -31.39 -15.04
CA ASN A 182 13.31 -32.26 -13.89
C ASN A 182 12.48 -31.61 -12.78
N SER A 183 12.11 -32.41 -11.79
CA SER A 183 11.29 -31.96 -10.67
C SER A 183 12.12 -31.90 -9.40
N THR A 184 11.96 -30.80 -8.66
CA THR A 184 12.69 -30.62 -7.41
C THR A 184 12.20 -31.62 -6.36
N ALA A 185 13.14 -32.32 -5.72
CA ALA A 185 12.77 -33.26 -4.69
C ALA A 185 12.28 -32.54 -3.44
N THR A 186 11.36 -33.18 -2.74
CA THR A 186 10.78 -32.63 -1.52
C THR A 186 10.91 -33.65 -0.39
N VAL A 187 10.27 -33.35 0.74
CA VAL A 187 10.26 -34.27 1.87
C VAL A 187 9.56 -35.57 1.47
N THR A 188 8.44 -35.46 0.77
CA THR A 188 7.69 -36.64 0.34
C THR A 188 8.56 -37.56 -0.51
N SER A 189 9.41 -36.99 -1.36
CA SER A 189 10.33 -37.81 -2.14
C SER A 189 11.31 -38.54 -1.23
N LEU A 190 11.78 -37.87 -0.18
CA LEU A 190 12.69 -38.52 0.76
C LEU A 190 12.00 -39.68 1.49
N GLU A 191 10.74 -39.48 1.89
CA GLU A 191 10.00 -40.56 2.54
C GLU A 191 9.77 -41.72 1.59
N GLY A 192 9.42 -41.42 0.33
CA GLY A 192 9.18 -42.49 -0.63
C GLY A 192 10.44 -43.27 -0.98
N ALA A 193 11.57 -42.57 -1.07
CA ALA A 193 12.83 -43.25 -1.38
C ALA A 193 13.21 -44.24 -0.28
N GLY A 194 13.00 -43.87 0.98
CA GLY A 194 13.33 -44.74 2.09
C GLY A 194 14.26 -44.09 3.09
N ALA A 195 14.37 -42.77 3.03
CA ALA A 195 15.25 -42.02 3.93
C ALA A 195 14.55 -41.87 5.28
N VAL A 196 15.12 -42.52 6.30
CA VAL A 196 14.57 -42.39 7.64
C VAL A 196 15.00 -41.07 8.24
N LYS A 197 14.03 -40.29 8.72
CA LYS A 197 14.34 -38.98 9.27
C LYS A 197 15.15 -39.09 10.55
N ASN A 198 16.19 -38.27 10.66
CA ASN A 198 16.96 -38.15 11.89
C ASN A 198 16.24 -37.16 12.79
N SER A 199 15.60 -37.67 13.84
CA SER A 199 14.81 -36.82 14.73
C SER A 199 15.68 -35.88 15.55
N THR A 200 16.99 -36.09 15.58
CA THR A 200 17.90 -35.23 16.34
C THR A 200 18.36 -34.03 15.52
N THR A 201 18.95 -34.29 14.35
CA THR A 201 19.49 -33.23 13.50
C THR A 201 18.47 -32.68 12.51
N GLY A 202 17.30 -33.29 12.38
CA GLY A 202 16.30 -32.85 11.42
C GLY A 202 16.58 -33.25 10.00
N ASN A 203 17.64 -34.01 9.74
CA ASN A 203 17.98 -34.46 8.41
C ASN A 203 17.31 -35.80 8.11
N TYR A 204 17.42 -36.22 6.85
CA TYR A 204 16.90 -37.51 6.40
C TYR A 204 18.06 -38.34 5.88
N VAL A 205 18.19 -39.57 6.37
CA VAL A 205 19.30 -40.44 6.01
C VAL A 205 18.74 -41.66 5.29
N LEU A 206 19.23 -41.91 4.09
CA LEU A 206 18.87 -43.11 3.35
C LEU A 206 20.10 -43.99 3.18
N THR A 207 19.88 -45.29 3.18
CA THR A 207 20.93 -46.28 3.00
C THR A 207 20.57 -47.15 1.81
N THR A 208 21.43 -47.17 0.80
CA THR A 208 21.23 -47.97 -0.39
C THR A 208 22.17 -49.17 -0.33
N THR A 209 21.60 -50.37 -0.42
CA THR A 209 22.35 -51.61 -0.26
C THR A 209 22.27 -52.43 -1.54
N PHE A 210 23.36 -53.14 -1.83
CA PHE A 210 23.45 -54.00 -2.99
C PHE A 210 23.58 -55.46 -2.54
N ASP A 211 22.89 -56.35 -3.25
CA ASP A 211 22.92 -57.75 -2.89
C ASP A 211 24.29 -58.36 -3.16
N GLU A 212 24.60 -59.43 -2.44
CA GLU A 212 25.87 -60.12 -2.64
C GLU A 212 25.88 -60.81 -3.99
N ALA A 213 27.07 -60.92 -4.58
CA ALA A 213 27.21 -61.56 -5.88
C ALA A 213 26.93 -63.06 -5.78
N SER A 214 26.07 -63.55 -6.67
CA SER A 214 25.82 -64.98 -6.73
C SER A 214 26.80 -65.65 -7.70
N LEU A 215 27.03 -66.94 -7.46
CA LEU A 215 28.02 -67.67 -8.25
C LEU A 215 27.62 -67.76 -9.71
N GLU A 216 26.34 -68.03 -9.99
CA GLU A 216 25.89 -68.14 -11.36
C GLU A 216 25.98 -66.80 -12.09
N ARG A 217 25.56 -65.72 -11.42
CA ARG A 217 25.66 -64.40 -12.00
C ARG A 217 27.11 -64.04 -12.33
N MET A 218 28.05 -64.50 -11.50
CA MET A 218 29.45 -64.15 -11.73
C MET A 218 30.07 -65.04 -12.80
N LEU A 219 29.63 -66.29 -12.90
CA LEU A 219 30.02 -67.12 -14.03
C LEU A 219 29.47 -66.56 -15.33
N GLY A 220 28.33 -65.87 -15.27
CA GLY A 220 27.82 -65.19 -16.44
C GLY A 220 28.66 -63.99 -16.86
N GLU A 221 29.40 -63.41 -15.92
CA GLU A 221 30.32 -62.32 -16.19
C GLU A 221 31.76 -62.81 -16.35
N MET A 222 31.94 -64.07 -16.71
CA MET A 222 33.26 -64.67 -16.72
C MET A 222 34.05 -64.20 -17.95
N LYS A 223 35.36 -64.04 -17.78
CA LYS A 223 36.25 -63.59 -18.84
C LYS A 223 37.24 -64.69 -19.22
N ASP A 224 37.87 -64.51 -20.38
CA ASP A 224 38.84 -65.47 -20.88
C ASP A 224 40.05 -65.56 -19.96
N GLY A 225 40.57 -66.78 -19.81
CA GLY A 225 41.75 -67.01 -19.01
C GLY A 225 41.52 -67.05 -17.53
N ASP A 226 40.28 -66.94 -17.07
CA ASP A 226 39.99 -66.92 -15.64
C ASP A 226 39.76 -68.33 -15.12
N VAL A 227 39.83 -68.49 -13.81
CA VAL A 227 39.83 -69.79 -13.16
C VAL A 227 38.71 -69.82 -12.12
N VAL A 228 38.02 -70.96 -12.04
CA VAL A 228 37.09 -71.25 -10.96
C VAL A 228 37.55 -72.55 -10.30
N THR A 229 37.92 -72.47 -9.03
CA THR A 229 38.42 -73.62 -8.28
C THR A 229 37.32 -74.11 -7.35
N VAL A 230 36.94 -75.37 -7.50
CA VAL A 230 35.89 -75.98 -6.69
C VAL A 230 36.49 -77.10 -5.87
N GLY A 231 36.29 -77.07 -4.56
CA GLY A 231 36.80 -78.09 -3.68
C GLY A 231 37.71 -77.57 -2.61
N SER A 232 37.86 -78.32 -1.51
CA SER A 232 38.72 -77.94 -0.40
C SER A 232 39.97 -78.82 -0.42
N GLY A 233 41.12 -78.19 -0.34
CA GLY A 233 42.38 -78.92 -0.37
C GLY A 233 43.00 -78.92 -1.77
N ALA A 234 44.33 -78.89 -1.80
CA ALA A 234 45.03 -78.81 -3.07
C ALA A 234 44.98 -80.14 -3.83
N SER A 235 44.81 -81.25 -3.12
CA SER A 235 44.77 -82.57 -3.73
C SER A 235 43.38 -82.96 -4.21
N THR A 236 42.36 -82.15 -3.94
CA THR A 236 41.00 -82.45 -4.36
C THR A 236 40.33 -81.33 -5.14
N ALA A 237 40.91 -80.14 -5.19
CA ALA A 237 40.30 -79.03 -5.90
C ALA A 237 40.38 -79.26 -7.41
N VAL A 238 39.34 -78.80 -8.12
CA VAL A 238 39.26 -78.88 -9.57
C VAL A 238 39.21 -77.46 -10.10
N GLU A 239 40.11 -77.14 -11.04
CA GLU A 239 40.21 -75.81 -11.60
C GLU A 239 39.63 -75.80 -13.00
N TYR A 240 38.64 -74.94 -13.22
CA TYR A 240 37.97 -74.78 -14.51
C TYR A 240 38.44 -73.44 -15.08
N THR A 241 39.25 -73.51 -16.14
CA THR A 241 39.71 -72.31 -16.83
C THR A 241 38.71 -71.99 -17.93
N PHE A 242 38.14 -70.79 -17.88
CA PHE A 242 37.12 -70.42 -18.84
C PHE A 242 37.73 -70.06 -20.19
N ASN A 243 36.98 -70.31 -21.25
CA ASN A 243 37.31 -69.89 -22.60
C ASN A 243 36.09 -69.15 -23.15
N THR A 244 36.28 -67.87 -23.47
CA THR A 244 35.19 -67.06 -23.99
C THR A 244 34.89 -67.40 -25.44
N ALA A 245 35.93 -67.69 -26.23
CA ALA A 245 35.73 -68.03 -27.64
C ALA A 245 34.87 -69.28 -27.79
N SER A 246 35.14 -70.31 -26.99
CA SER A 246 34.27 -71.47 -26.93
C SER A 246 33.17 -71.34 -25.88
N GLY A 247 33.31 -70.38 -24.96
CA GLY A 247 32.33 -70.22 -23.90
C GLY A 247 32.18 -71.41 -23.00
N SER A 248 33.28 -72.06 -22.62
CA SER A 248 33.21 -73.29 -21.83
C SER A 248 34.44 -73.38 -20.94
N PHE A 249 34.34 -74.18 -19.90
CA PHE A 249 35.42 -74.32 -18.93
C PHE A 249 36.18 -75.62 -19.16
N THR A 250 37.49 -75.50 -19.33
CA THR A 250 38.38 -76.62 -19.54
C THR A 250 39.07 -76.97 -18.23
N TYR A 251 39.28 -78.26 -17.98
CA TYR A 251 39.83 -78.70 -16.72
C TYR A 251 40.59 -80.01 -16.90
N THR A 252 41.38 -80.34 -15.90
CA THR A 252 42.16 -81.58 -15.88
C THR A 252 41.27 -82.69 -15.33
N ALA A 253 40.74 -83.51 -16.24
CA ALA A 253 39.93 -84.64 -15.87
C ALA A 253 40.80 -85.88 -15.70
N ASN A 254 40.53 -86.66 -14.66
CA ASN A 254 41.33 -87.81 -14.30
C ASN A 254 40.46 -89.06 -14.25
N ALA A 255 40.99 -90.15 -14.78
CA ALA A 255 40.30 -91.45 -14.83
C ALA A 255 41.13 -92.46 -14.04
N THR A 256 40.67 -92.80 -12.84
CA THR A 256 41.42 -93.64 -11.92
C THR A 256 40.86 -95.05 -11.78
N ASN A 257 40.01 -95.48 -12.71
CA ASN A 257 39.43 -96.82 -12.62
C ASN A 257 39.12 -97.34 -14.01
N ALA A 258 38.93 -98.66 -14.09
CA ALA A 258 38.66 -99.30 -15.37
C ALA A 258 37.31 -98.88 -15.94
N ALA A 259 36.34 -98.63 -15.05
CA ALA A 259 35.03 -98.14 -15.52
C ALA A 259 35.19 -96.78 -16.21
N ALA A 260 36.06 -95.93 -15.69
CA ALA A 260 36.31 -94.65 -16.34
C ALA A 260 36.93 -94.85 -17.72
N TYR A 261 37.85 -95.79 -17.85
CA TYR A 261 38.44 -96.07 -19.16
C TYR A 261 37.39 -96.59 -20.14
N GLY A 262 36.50 -97.47 -19.66
CA GLY A 262 35.43 -97.96 -20.51
C GLY A 262 34.49 -96.86 -20.96
N ASP A 263 34.15 -95.95 -20.05
CA ASP A 263 33.30 -94.82 -20.41
C ASP A 263 33.99 -93.91 -21.42
N LEU A 264 35.31 -93.69 -21.24
CA LEU A 264 36.06 -92.89 -22.20
C LEU A 264 36.08 -93.55 -23.58
N ALA A 265 36.23 -94.87 -23.62
CA ALA A 265 36.13 -95.58 -24.89
C ALA A 265 34.75 -95.41 -25.50
N ASP A 266 33.70 -95.53 -24.69
CA ASP A 266 32.34 -95.42 -25.19
C ASP A 266 32.06 -94.03 -25.77
N GLU A 267 32.58 -92.99 -25.11
CA GLU A 267 32.37 -91.63 -25.61
C GLU A 267 32.99 -91.43 -26.99
N LEU A 268 34.19 -91.99 -27.20
CA LEU A 268 34.92 -91.81 -28.45
C LEU A 268 34.49 -92.79 -29.53
N ILE A 269 33.53 -93.68 -29.25
CA ILE A 269 33.09 -94.67 -30.22
C ILE A 269 32.49 -93.96 -31.42
N PRO A 270 33.00 -94.20 -32.63
CA PRO A 270 32.41 -93.58 -33.82
C PRO A 270 31.16 -94.33 -34.26
N PRO A 271 30.27 -93.68 -35.00
CA PRO A 271 29.09 -94.37 -35.51
C PRO A 271 29.43 -95.36 -36.61
N THR A 272 28.41 -96.00 -37.18
CA THR A 272 28.63 -96.99 -38.23
C THR A 272 29.30 -96.35 -39.43
N GLY A 273 30.30 -97.02 -39.98
CA GLY A 273 31.04 -96.50 -41.12
C GLY A 273 32.00 -95.39 -40.80
N SER A 274 32.28 -95.14 -39.52
CA SER A 274 33.12 -94.04 -39.10
C SER A 274 34.33 -94.56 -38.33
N SER A 275 35.47 -93.89 -38.54
CA SER A 275 36.72 -94.23 -37.87
C SER A 275 37.38 -92.97 -37.36
N ILE A 276 38.13 -93.11 -36.27
CA ILE A 276 38.82 -91.98 -35.65
C ILE A 276 40.30 -92.30 -35.54
N THR A 277 41.14 -91.34 -35.94
CA THR A 277 42.59 -91.52 -35.98
C THR A 277 43.22 -91.01 -34.69
N GLY A 278 44.25 -91.72 -34.23
CA GLY A 278 44.97 -91.33 -33.05
C GLY A 278 46.40 -91.83 -33.08
N THR A 279 47.17 -91.41 -32.06
CA THR A 279 48.57 -91.76 -31.91
C THR A 279 48.84 -92.29 -30.52
N TYR A 280 49.79 -93.23 -30.43
CA TYR A 280 50.17 -93.88 -29.18
C TYR A 280 51.69 -93.78 -29.06
N GLU A 281 52.16 -93.20 -27.96
CA GLU A 281 53.59 -93.05 -27.72
C GLU A 281 54.04 -94.08 -26.70
N PHE A 282 55.03 -94.88 -27.05
CA PHE A 282 55.58 -95.86 -26.13
C PHE A 282 56.52 -95.18 -25.13
N ALA A 283 56.96 -95.97 -24.15
CA ALA A 283 57.83 -95.43 -23.10
C ALA A 283 59.19 -95.01 -23.66
N ASP A 284 59.62 -95.60 -24.77
CA ASP A 284 60.89 -95.26 -25.37
C ASP A 284 60.78 -94.15 -26.42
N GLY A 285 59.59 -93.61 -26.64
CA GLY A 285 59.40 -92.50 -27.55
C GLY A 285 58.81 -92.86 -28.89
N ASN A 286 58.70 -94.15 -29.22
CA ASN A 286 58.15 -94.54 -30.51
C ASN A 286 56.67 -94.18 -30.60
N VAL A 287 56.25 -93.75 -31.78
CA VAL A 287 54.89 -93.29 -32.04
C VAL A 287 54.24 -94.22 -33.05
N ALA A 288 53.03 -94.68 -32.74
CA ALA A 288 52.25 -95.53 -33.63
C ALA A 288 50.93 -94.85 -33.95
N THR A 289 50.54 -94.88 -35.22
CA THR A 289 49.28 -94.29 -35.67
C THR A 289 48.23 -95.39 -35.81
N PHE A 290 47.04 -95.14 -35.27
CA PHE A 290 45.97 -96.13 -35.27
C PHE A 290 44.66 -95.48 -35.70
N ALA A 291 43.73 -96.33 -36.14
CA ALA A 291 42.37 -95.92 -36.48
C ALA A 291 41.39 -96.83 -35.76
N VAL A 292 40.31 -96.24 -35.25
CA VAL A 292 39.29 -96.95 -34.48
C VAL A 292 38.00 -96.99 -35.28
N ASP A 293 37.39 -98.17 -35.36
CA ASP A 293 36.20 -98.41 -36.15
C ASP A 293 34.94 -98.30 -35.30
N ALA A 294 33.80 -98.65 -35.91
CA ALA A 294 32.50 -98.51 -35.25
C ALA A 294 32.38 -99.38 -34.01
N SER A 295 32.97 -100.57 -34.04
CA SER A 295 32.88 -101.50 -32.91
C SER A 295 33.86 -101.16 -31.81
N GLY A 296 34.57 -100.04 -31.91
CA GLY A 296 35.58 -99.69 -30.94
C GLY A 296 36.88 -100.44 -31.12
N LYS A 297 37.02 -101.21 -32.18
CA LYS A 297 38.12 -102.13 -32.35
C LYS A 297 39.23 -101.46 -33.13
N LEU A 298 40.48 -101.70 -32.73
CA LEU A 298 41.61 -100.94 -33.25
C LEU A 298 42.17 -101.58 -34.52
N THR A 299 42.48 -100.73 -35.49
CA THR A 299 43.12 -101.11 -36.74
C THR A 299 44.44 -100.35 -36.89
N LEU A 300 45.54 -101.10 -36.93
CA LEU A 300 46.88 -100.54 -37.07
C LEU A 300 47.26 -100.55 -38.55
N ASP A 301 47.23 -99.39 -39.19
CA ASP A 301 47.56 -99.25 -40.61
C ASP A 301 46.70 -100.16 -41.47
N GLY A 302 45.42 -100.30 -41.10
CA GLY A 302 44.52 -101.21 -41.79
C GLY A 302 44.57 -102.65 -41.32
N GLN A 303 45.42 -102.96 -40.34
CA GLN A 303 45.58 -104.31 -39.85
C GLN A 303 45.22 -104.37 -38.37
N ALA A 304 44.84 -105.55 -37.91
CA ALA A 304 44.44 -105.74 -36.53
C ALA A 304 45.54 -105.33 -35.58
N ALA A 305 45.19 -104.55 -34.57
CA ALA A 305 46.15 -104.06 -33.60
C ALA A 305 46.13 -104.92 -32.33
N TYR A 306 47.31 -105.14 -31.78
CA TYR A 306 47.45 -105.96 -30.58
C TYR A 306 48.40 -105.25 -29.61
N VAL A 307 48.11 -105.38 -28.32
CA VAL A 307 48.93 -104.82 -27.26
C VAL A 307 49.77 -105.93 -26.65
N THR A 308 51.08 -105.71 -26.58
CA THR A 308 51.99 -106.72 -26.08
C THR A 308 52.04 -106.68 -24.55
N ALA A 309 52.90 -107.55 -23.98
CA ALA A 309 53.07 -107.57 -22.53
C ALA A 309 53.68 -106.27 -22.02
N THR A 310 54.49 -105.61 -22.83
CA THR A 310 55.09 -104.32 -22.48
C THR A 310 54.18 -103.15 -22.83
N GLY A 311 52.97 -103.41 -23.33
CA GLY A 311 52.09 -102.36 -23.78
C GLY A 311 52.35 -101.87 -25.18
N GLU A 312 53.28 -102.48 -25.91
CA GLU A 312 53.55 -102.08 -27.27
C GLU A 312 52.42 -102.50 -28.19
N LEU A 313 52.06 -101.62 -29.13
CA LEU A 313 51.00 -101.87 -30.09
C LEU A 313 51.61 -102.27 -31.42
N THR A 314 51.26 -103.46 -31.90
CA THR A 314 51.79 -103.95 -33.16
C THR A 314 50.76 -104.86 -33.82
N ASN A 315 50.94 -105.08 -35.12
CA ASN A 315 50.03 -105.89 -35.91
C ASN A 315 50.46 -107.36 -36.00
N ASN A 316 51.57 -107.73 -35.37
CA ASN A 316 52.03 -109.11 -35.36
C ASN A 316 51.18 -109.89 -34.35
N ALA A 317 50.58 -110.98 -34.80
CA ALA A 317 49.64 -111.73 -33.97
C ALA A 317 50.37 -112.77 -33.14
N THR A 318 50.13 -112.73 -31.83
CA THR A 318 50.62 -113.78 -30.94
C THR A 318 49.57 -114.88 -30.82
N SER A 319 50.05 -116.11 -30.59
CA SER A 319 49.16 -117.26 -30.46
C SER A 319 48.18 -117.07 -29.30
N GLY A 320 46.90 -116.94 -29.63
CA GLY A 320 45.87 -116.74 -28.62
C GLY A 320 45.68 -115.30 -28.18
N ALA A 321 46.42 -114.35 -28.76
CA ALA A 321 46.29 -112.96 -28.38
C ALA A 321 45.03 -112.35 -29.00
N THR A 322 44.26 -111.64 -28.18
CA THR A 322 43.04 -110.99 -28.63
C THR A 322 43.36 -109.62 -29.23
N GLN A 323 42.62 -109.25 -30.27
CA GLN A 323 42.81 -107.94 -30.88
C GLN A 323 42.43 -106.83 -29.90
N ALA A 324 43.28 -105.81 -29.83
CA ALA A 324 43.12 -104.77 -28.83
C ALA A 324 41.95 -103.87 -29.19
N THR A 325 41.13 -103.56 -28.18
CA THR A 325 40.06 -102.58 -28.32
C THR A 325 40.57 -101.21 -27.89
N LEU A 326 39.69 -100.21 -27.95
CA LEU A 326 40.07 -98.88 -27.52
C LEU A 326 40.28 -98.82 -26.01
N GLU A 327 39.54 -99.63 -25.25
CA GLU A 327 39.61 -99.55 -23.80
C GLU A 327 40.97 -99.96 -23.25
N ASP A 328 41.65 -100.91 -23.91
CA ASP A 328 42.90 -101.43 -23.38
C ASP A 328 43.98 -100.36 -23.29
N LEU A 329 43.96 -99.38 -24.20
CA LEU A 329 45.01 -98.37 -24.25
C LEU A 329 44.99 -97.52 -22.98
N PHE A 330 43.81 -97.11 -22.54
CA PHE A 330 43.73 -96.30 -21.32
C PHE A 330 44.22 -97.07 -20.09
N ALA A 331 43.85 -98.34 -19.99
CA ALA A 331 44.33 -99.16 -18.88
C ALA A 331 45.85 -99.27 -18.91
N THR A 332 46.42 -99.50 -20.10
CA THR A 332 47.87 -99.62 -20.23
C THR A 332 48.57 -98.32 -19.84
N VAL A 333 48.02 -97.18 -20.27
CA VAL A 333 48.65 -95.90 -19.97
C VAL A 333 48.54 -95.60 -18.47
N GLY A 334 47.37 -95.82 -17.89
CA GLY A 334 47.16 -95.44 -16.49
C GLY A 334 47.87 -96.38 -15.53
N ALA A 335 47.49 -97.66 -15.54
CA ALA A 335 47.99 -98.62 -14.56
C ALA A 335 49.32 -99.24 -14.95
N GLY A 336 49.86 -98.88 -16.11
CA GLY A 336 51.12 -99.45 -16.55
C GLY A 336 50.95 -100.85 -17.12
N ALA A 337 52.08 -101.42 -17.55
CA ALA A 337 52.07 -102.77 -18.11
C ALA A 337 52.17 -103.80 -16.99
N ALA A 338 51.23 -104.74 -17.01
CA ALA A 338 51.17 -105.83 -16.03
C ALA A 338 50.97 -105.31 -14.60
N GLY A 339 50.58 -104.05 -14.47
CA GLY A 339 50.31 -103.47 -13.16
C GLY A 339 51.57 -103.17 -12.37
N THR A 340 52.73 -103.52 -12.91
CA THR A 340 54.00 -103.30 -12.25
C THR A 340 54.92 -102.36 -13.01
N ASP A 341 54.57 -101.96 -14.22
CA ASP A 341 55.38 -101.02 -14.99
C ASP A 341 55.00 -99.60 -14.58
N THR A 342 55.98 -98.83 -14.14
CA THR A 342 55.78 -97.44 -13.75
C THR A 342 56.11 -96.46 -14.88
N SER A 343 56.37 -96.97 -16.09
CA SER A 343 56.69 -96.10 -17.21
C SER A 343 55.50 -95.24 -17.59
N ALA A 344 55.75 -93.97 -17.87
CA ALA A 344 54.70 -93.08 -18.32
C ALA A 344 54.42 -93.28 -19.81
N ARG A 345 53.16 -93.12 -20.19
CA ARG A 345 52.74 -93.28 -21.58
C ARG A 345 51.80 -92.14 -21.96
N SER A 346 51.71 -91.88 -23.26
CA SER A 346 50.86 -90.82 -23.79
C SER A 346 50.03 -91.35 -24.95
N LEU A 347 48.78 -90.90 -25.02
CA LEU A 347 47.83 -91.35 -26.03
C LEU A 347 47.02 -90.15 -26.51
N THR A 348 47.16 -89.81 -27.79
CA THR A 348 46.40 -88.72 -28.39
C THR A 348 45.27 -89.30 -29.21
N VAL A 349 44.05 -88.87 -28.92
CA VAL A 349 42.87 -89.37 -29.63
C VAL A 349 41.74 -88.38 -29.43
N GLY A 350 40.96 -88.17 -30.50
CA GLY A 350 39.86 -87.22 -30.45
C GLY A 350 40.29 -85.80 -30.18
N GLY A 351 41.53 -85.46 -30.51
CA GLY A 351 42.06 -84.16 -30.18
C GLY A 351 42.42 -83.96 -28.73
N VAL A 352 42.40 -85.03 -27.93
CA VAL A 352 42.67 -84.95 -26.50
C VAL A 352 43.83 -85.88 -26.18
N THR A 353 44.75 -85.40 -25.34
CA THR A 353 45.93 -86.16 -24.96
C THR A 353 45.76 -86.68 -23.54
N TYR A 354 45.99 -87.98 -23.36
CA TYR A 354 45.84 -88.66 -22.09
C TYR A 354 47.20 -89.21 -21.67
N THR A 355 47.65 -88.85 -20.47
CA THR A 355 48.95 -89.26 -19.97
C THR A 355 48.79 -89.85 -18.58
N GLY A 356 49.52 -90.93 -18.31
CA GLY A 356 49.51 -91.53 -16.99
C GLY A 356 50.30 -90.72 -15.99
N ALA A 357 50.03 -90.97 -14.71
CA ALA A 357 50.73 -90.27 -13.64
C ALA A 357 52.14 -90.79 -13.44
N GLY A 358 52.48 -91.92 -14.04
CA GLY A 358 53.80 -92.51 -13.85
C GLY A 358 53.89 -93.36 -12.61
N THR A 359 53.47 -92.80 -11.47
CA THR A 359 53.45 -93.54 -10.21
C THR A 359 52.06 -93.90 -9.73
N THR A 360 51.01 -93.31 -10.33
CA THR A 360 49.64 -93.57 -9.93
C THR A 360 48.85 -94.05 -11.14
N ALA A 361 47.98 -95.04 -10.93
CA ALA A 361 47.15 -95.59 -11.99
C ALA A 361 46.03 -94.63 -12.33
N GLY A 362 46.08 -94.03 -13.51
CA GLY A 362 45.04 -93.13 -13.94
C GLY A 362 45.45 -92.36 -15.18
N LEU A 363 44.45 -91.71 -15.78
CA LEU A 363 44.65 -90.85 -16.93
C LEU A 363 44.40 -89.40 -16.55
N SER A 364 45.20 -88.51 -17.13
CA SER A 364 45.01 -87.07 -16.98
C SER A 364 44.84 -86.47 -18.36
N TYR A 365 43.79 -85.67 -18.55
CA TYR A 365 43.55 -85.09 -19.87
C TYR A 365 42.78 -83.78 -19.71
N THR A 366 42.62 -83.09 -20.83
CA THR A 366 41.90 -81.82 -20.88
C THR A 366 40.46 -82.09 -21.32
N ASP A 367 39.50 -81.73 -20.49
CA ASP A 367 38.10 -81.96 -20.76
C ASP A 367 37.31 -80.66 -20.61
N THR A 368 36.17 -80.60 -21.29
CA THR A 368 35.37 -79.39 -21.33
C THR A 368 34.06 -79.59 -20.55
N ALA A 369 33.51 -78.47 -20.08
CA ALA A 369 32.27 -78.50 -19.33
C ALA A 369 31.58 -77.14 -19.45
N THR A 370 30.32 -77.12 -19.05
CA THR A 370 29.49 -75.92 -19.10
C THR A 370 29.43 -75.24 -17.73
N SER A 371 28.81 -74.06 -17.69
CA SER A 371 28.67 -73.33 -16.44
C SER A 371 27.80 -74.07 -15.44
N SER A 372 26.71 -74.68 -15.93
CA SER A 372 25.82 -75.43 -15.05
C SER A 372 26.53 -76.60 -14.40
N ASP A 373 27.48 -77.22 -15.11
CA ASP A 373 28.26 -78.29 -14.51
C ASP A 373 29.08 -77.78 -13.32
N VAL A 374 29.71 -76.61 -13.49
CA VAL A 374 30.48 -76.02 -12.39
C VAL A 374 29.56 -75.68 -11.23
N LEU A 375 28.38 -75.12 -11.52
CA LEU A 375 27.45 -74.78 -10.45
C LEU A 375 27.00 -76.02 -9.69
N ALA A 376 26.71 -77.12 -10.40
CA ALA A 376 26.32 -78.36 -9.74
C ALA A 376 27.47 -78.92 -8.92
N ALA A 377 28.70 -78.83 -9.42
CA ALA A 377 29.84 -79.32 -8.66
C ALA A 377 30.06 -78.52 -7.39
N SER A 378 29.87 -77.21 -7.47
CA SER A 378 30.08 -76.33 -6.33
C SER A 378 28.86 -76.21 -5.42
N ALA A 379 27.75 -76.84 -5.78
CA ALA A 379 26.53 -76.73 -4.98
C ALA A 379 26.66 -77.41 -3.62
N SER A 380 27.69 -78.25 -3.41
CA SER A 380 27.86 -78.95 -2.15
C SER A 380 29.28 -78.83 -1.59
N THR A 381 30.16 -78.09 -2.25
CA THR A 381 31.54 -77.95 -1.80
C THR A 381 31.96 -76.49 -1.99
N VAL A 382 32.94 -76.06 -1.18
CA VAL A 382 33.42 -74.69 -1.26
C VAL A 382 33.95 -74.40 -2.65
N ALA A 383 33.71 -73.17 -3.12
CA ALA A 383 34.13 -72.75 -4.45
C ALA A 383 34.83 -71.41 -4.36
N SER A 384 35.50 -71.04 -5.44
CA SER A 384 36.19 -69.76 -5.52
C SER A 384 36.38 -69.38 -6.98
N ILE A 385 36.36 -68.07 -7.23
CA ILE A 385 36.53 -67.53 -8.58
C ILE A 385 37.68 -66.53 -8.55
N GLU A 386 38.65 -66.69 -9.45
CA GLU A 386 39.77 -65.78 -9.56
C GLU A 386 39.48 -64.81 -10.71
N MET A 387 39.42 -63.51 -10.38
CA MET A 387 39.19 -62.50 -11.40
C MET A 387 40.53 -62.02 -11.94
N HIS A 388 40.63 -61.93 -13.27
CA HIS A 388 41.88 -61.51 -13.90
C HIS A 388 41.87 -60.03 -14.24
N ASN A 389 40.92 -59.57 -15.04
CA ASN A 389 40.76 -58.16 -15.37
C ASN A 389 39.41 -57.69 -14.84
N GLY A 390 39.43 -56.73 -13.92
CA GLY A 390 38.22 -56.24 -13.32
C GLY A 390 38.49 -55.27 -12.18
N ILE A 391 37.48 -55.02 -11.35
CA ILE A 391 37.66 -54.09 -10.24
C ILE A 391 38.71 -54.61 -9.27
N THR A 392 38.63 -55.90 -8.93
CA THR A 392 39.59 -56.54 -8.04
C THR A 392 40.06 -57.83 -8.67
N SER A 393 41.37 -57.92 -8.90
CA SER A 393 41.98 -59.16 -9.41
C SER A 393 42.32 -60.08 -8.23
N ALA A 394 41.27 -60.46 -7.50
CA ALA A 394 41.41 -61.28 -6.31
C ALA A 394 40.40 -62.42 -6.35
N THR A 395 40.53 -63.31 -5.38
CA THR A 395 39.68 -64.50 -5.30
C THR A 395 38.42 -64.20 -4.50
N ILE A 396 37.28 -64.62 -5.03
CA ILE A 396 36.00 -64.51 -4.37
C ILE A 396 35.59 -65.90 -3.93
N ASP A 397 35.34 -66.07 -2.63
CA ASP A 397 35.09 -67.39 -2.05
C ASP A 397 33.62 -67.60 -1.79
N PHE A 398 33.20 -68.87 -1.85
CA PHE A 398 31.83 -69.28 -1.61
C PHE A 398 31.85 -70.56 -0.78
N ASP A 399 30.92 -70.65 0.18
CA ASP A 399 30.86 -71.83 1.03
C ASP A 399 30.33 -73.03 0.24
N ASN A 400 30.20 -74.15 0.94
CA ASN A 400 29.60 -75.34 0.33
C ASN A 400 28.13 -75.15 0.03
N THR A 401 27.49 -74.13 0.60
CA THR A 401 26.08 -73.83 0.35
C THR A 401 25.89 -72.78 -0.72
N GLY A 402 26.96 -72.32 -1.37
CA GLY A 402 26.85 -71.33 -2.41
C GLY A 402 26.83 -69.89 -1.95
N ALA A 403 26.92 -69.65 -0.65
CA ALA A 403 26.97 -68.28 -0.13
C ALA A 403 28.41 -67.82 -0.02
N GLN A 404 28.62 -66.51 -0.18
CA GLN A 404 29.96 -65.96 -0.12
C GLN A 404 30.57 -66.15 1.25
N SER A 405 31.87 -66.44 1.29
CA SER A 405 32.58 -66.57 2.55
C SER A 405 32.73 -65.21 3.20
N SER A 406 32.43 -65.14 4.50
CA SER A 406 32.57 -63.89 5.23
C SER A 406 34.03 -63.45 5.30
N THR A 407 34.93 -64.41 5.54
CA THR A 407 36.36 -64.11 5.64
C THR A 407 36.99 -64.12 4.24
N GLY A 408 36.71 -63.05 3.51
CA GLY A 408 37.23 -62.90 2.17
C GLY A 408 36.66 -61.68 1.49
N THR A 409 37.10 -61.48 0.25
CA THR A 409 36.62 -60.36 -0.55
C THR A 409 35.15 -60.54 -0.90
N GLN A 410 34.37 -59.48 -0.77
CA GLN A 410 32.95 -59.51 -1.10
C GLN A 410 32.69 -58.60 -2.29
N VAL A 411 32.01 -59.12 -3.30
CA VAL A 411 31.65 -58.39 -4.50
C VAL A 411 30.13 -58.23 -4.52
N TYR A 412 29.66 -57.05 -4.91
CA TYR A 412 28.25 -56.72 -4.89
C TYR A 412 27.79 -56.24 -6.26
N VAL A 413 26.54 -56.57 -6.58
CA VAL A 413 25.92 -56.17 -7.83
C VAL A 413 25.06 -54.94 -7.55
N ASP A 414 25.34 -53.85 -8.27
CA ASP A 414 24.70 -52.58 -7.99
C ASP A 414 23.26 -52.58 -8.50
N GLU A 415 22.60 -51.43 -8.43
CA GLU A 415 21.23 -51.28 -8.88
C GLU A 415 21.08 -51.36 -10.40
N ASP A 416 22.19 -51.33 -11.14
CA ASP A 416 22.15 -51.41 -12.60
C ASP A 416 22.70 -52.73 -13.12
N GLY A 417 22.82 -53.74 -12.27
CA GLY A 417 23.32 -55.04 -12.69
C GLY A 417 24.80 -55.10 -12.94
N GLN A 418 25.57 -54.11 -12.49
CA GLN A 418 27.00 -54.05 -12.74
C GLN A 418 27.77 -54.34 -11.45
N LEU A 419 29.02 -54.74 -11.62
CA LEU A 419 29.86 -55.08 -10.46
C LEU A 419 30.30 -53.81 -9.73
N THR A 420 30.36 -53.90 -8.41
CA THR A 420 30.79 -52.79 -7.58
C THR A 420 31.17 -53.33 -6.20
N THR A 421 32.35 -52.94 -5.73
CA THR A 421 32.81 -53.38 -4.42
C THR A 421 32.13 -52.63 -3.27
N VAL A 422 31.35 -51.60 -3.57
CA VAL A 422 30.63 -50.84 -2.55
C VAL A 422 29.33 -51.60 -2.26
N GLY A 423 29.30 -52.30 -1.12
CA GLY A 423 28.10 -53.03 -0.77
C GLY A 423 26.92 -52.12 -0.48
N SER A 424 27.17 -51.02 0.23
CA SER A 424 26.12 -50.07 0.56
C SER A 424 26.72 -48.69 0.66
N TYR A 425 25.88 -47.68 0.50
CA TYR A 425 26.28 -46.29 0.66
C TYR A 425 25.16 -45.52 1.34
N THR A 426 25.52 -44.33 1.83
CA THR A 426 24.65 -43.52 2.66
C THR A 426 24.82 -42.06 2.30
N THR A 427 23.73 -41.30 2.45
CA THR A 427 23.77 -39.86 2.22
C THR A 427 22.68 -39.20 3.05
N THR A 428 23.04 -38.13 3.74
CA THR A 428 22.07 -37.38 4.53
C THR A 428 21.67 -36.10 3.81
N PHE A 429 20.38 -35.78 3.89
CA PHE A 429 19.81 -34.61 3.24
C PHE A 429 19.25 -33.66 4.30
N ALA A 430 19.56 -32.38 4.13
CA ALA A 430 18.88 -31.34 4.90
C ALA A 430 17.58 -30.96 4.21
N VAL A 431 16.67 -30.37 4.97
CA VAL A 431 15.40 -29.90 4.45
C VAL A 431 15.24 -28.45 4.84
N ASN A 432 15.12 -27.58 3.83
CA ASN A 432 14.87 -26.17 4.09
C ASN A 432 13.45 -26.01 4.63
N ALA A 433 13.33 -25.60 5.90
CA ALA A 433 12.02 -25.55 6.53
C ALA A 433 11.10 -24.54 5.88
N ASP A 434 11.65 -23.52 5.21
CA ASP A 434 10.82 -22.50 4.61
C ASP A 434 10.49 -22.81 3.14
N THR A 435 11.53 -22.98 2.32
CA THR A 435 11.30 -23.23 0.90
C THR A 435 10.85 -24.66 0.64
N GLY A 436 11.32 -25.60 1.44
CA GLY A 436 11.09 -27.00 1.17
C GLY A 436 12.17 -27.65 0.33
N GLU A 437 13.15 -26.88 -0.12
CA GLU A 437 14.23 -27.43 -0.95
C GLU A 437 15.04 -28.44 -0.16
N VAL A 438 15.37 -29.55 -0.79
CA VAL A 438 16.14 -30.62 -0.17
C VAL A 438 17.57 -30.48 -0.68
N THR A 439 18.46 -30.01 0.19
CA THR A 439 19.87 -29.90 -0.14
C THR A 439 20.64 -31.06 0.48
N VAL A 440 21.82 -31.34 -0.07
CA VAL A 440 22.68 -32.42 0.39
C VAL A 440 23.75 -31.83 1.30
N VAL A 441 23.90 -32.40 2.49
CA VAL A 441 24.85 -31.91 3.48
C VAL A 441 26.05 -32.84 3.61
N ASP A 442 25.84 -34.14 3.52
CA ASP A 442 26.95 -35.08 3.66
C ASP A 442 26.54 -36.41 3.04
N ASN A 443 27.53 -37.26 2.80
CA ASN A 443 27.32 -38.57 2.22
C ASN A 443 28.15 -39.59 2.99
N SER A 444 28.17 -40.82 2.48
CA SER A 444 29.00 -41.88 3.05
C SER A 444 30.44 -41.72 2.58
N ASP A 445 31.23 -42.78 2.70
CA ASP A 445 32.61 -42.82 2.24
C ASP A 445 32.79 -42.08 0.92
N THR A 446 33.77 -41.18 0.86
CA THR A 446 34.00 -40.35 -0.31
C THR A 446 34.56 -41.13 -1.49
N ALA A 447 34.98 -42.38 -1.28
CA ALA A 447 35.52 -43.17 -2.39
C ALA A 447 34.44 -43.49 -3.42
N GLY A 448 33.21 -43.72 -2.96
CA GLY A 448 32.13 -44.07 -3.85
C GLY A 448 31.83 -43.04 -4.92
N ASP A 449 31.84 -43.48 -6.19
CA ASP A 449 31.51 -42.58 -7.29
C ASP A 449 30.03 -42.26 -7.35
N TYR A 450 29.19 -43.05 -6.68
CA TYR A 450 27.77 -42.75 -6.59
C TYR A 450 27.47 -41.55 -5.70
N ALA A 451 28.47 -41.03 -4.99
CA ALA A 451 28.27 -39.91 -4.08
C ALA A 451 27.82 -38.69 -4.87
N LEU A 452 26.57 -38.28 -4.66
CA LEU A 452 26.03 -37.10 -5.30
C LEU A 452 26.71 -35.85 -4.76
N GLU A 453 26.60 -34.76 -5.52
CA GLU A 453 27.36 -33.55 -5.23
C GLU A 453 26.92 -32.93 -3.90
N GLU A 454 27.86 -32.23 -3.26
CA GLU A 454 27.62 -31.61 -1.97
C GLU A 454 26.91 -30.28 -2.12
N GLY A 455 25.96 -30.01 -1.22
CA GLY A 455 25.29 -28.72 -1.19
C GLY A 455 24.54 -28.39 -2.47
N ALA A 456 23.89 -29.38 -3.06
CA ALA A 456 23.18 -29.20 -4.33
C ALA A 456 21.73 -29.64 -4.17
N THR A 457 20.86 -29.01 -4.96
CA THR A 457 19.45 -29.37 -4.95
C THR A 457 19.27 -30.74 -5.60
N VAL A 458 18.59 -31.64 -4.91
CA VAL A 458 18.34 -32.99 -5.41
C VAL A 458 17.03 -32.98 -6.18
N TYR A 459 16.99 -33.73 -7.28
CA TYR A 459 15.83 -33.80 -8.15
C TYR A 459 15.39 -35.25 -8.32
N VAL A 460 14.08 -35.43 -8.47
CA VAL A 460 13.50 -36.75 -8.69
C VAL A 460 13.47 -36.98 -10.21
N GLY A 461 14.41 -37.78 -10.69
CA GLY A 461 14.51 -38.04 -12.12
C GLY A 461 13.29 -38.76 -12.67
N SER A 462 13.18 -38.81 -13.99
CA SER A 462 12.05 -39.48 -14.63
C SER A 462 12.02 -40.97 -14.28
N ASN A 463 13.16 -41.53 -13.90
CA ASN A 463 13.23 -42.90 -13.42
C ASN A 463 12.86 -43.04 -11.96
N GLY A 464 12.55 -41.94 -11.27
CA GLY A 464 12.23 -41.97 -9.87
C GLY A 464 13.41 -41.86 -8.94
N ARG A 465 14.62 -41.80 -9.47
CA ARG A 465 15.82 -41.73 -8.64
C ARG A 465 16.00 -40.32 -8.09
N LEU A 466 16.94 -40.20 -7.15
CA LEU A 466 17.29 -38.91 -6.57
C LEU A 466 18.65 -38.48 -7.08
N THR A 467 18.69 -37.37 -7.82
CA THR A 467 19.92 -36.89 -8.43
C THR A 467 19.99 -35.37 -8.30
N THR A 468 21.21 -34.86 -8.22
CA THR A 468 21.47 -33.43 -8.19
C THR A 468 21.71 -32.89 -9.60
N SER A 469 20.80 -33.17 -10.51
CA SER A 469 20.96 -32.76 -11.90
C SER A 469 19.63 -32.32 -12.45
N THR A 470 19.56 -31.10 -12.95
CA THR A 470 18.36 -30.62 -13.61
C THR A 470 18.19 -31.31 -14.96
N THR A 471 16.94 -31.38 -15.41
CA THR A 471 16.56 -31.98 -16.69
C THR A 471 16.88 -33.47 -16.75
N SER A 472 16.26 -34.16 -17.70
CA SER A 472 16.51 -35.57 -17.94
C SER A 472 16.41 -35.84 -19.44
N LYS A 473 17.04 -36.92 -19.89
CA LYS A 473 17.03 -37.23 -21.31
C LYS A 473 15.63 -37.62 -21.75
N GLY A 474 15.02 -36.80 -22.62
CA GLY A 474 13.70 -37.05 -23.14
C GLY A 474 13.74 -37.69 -24.51
N ASP A 475 12.55 -37.86 -25.08
CA ASP A 475 12.38 -38.50 -26.38
C ASP A 475 11.76 -37.51 -27.35
N VAL A 476 11.42 -37.99 -28.54
CA VAL A 476 10.77 -37.13 -29.52
C VAL A 476 9.40 -36.71 -29.00
N THR A 477 8.94 -35.55 -29.43
CA THR A 477 7.63 -35.08 -29.02
C THR A 477 6.54 -35.94 -29.66
N GLU A 478 5.52 -36.25 -28.86
CA GLU A 478 4.39 -37.05 -29.33
C GLU A 478 3.30 -36.13 -29.86
N ASP A 479 2.78 -36.44 -31.03
CA ASP A 479 1.86 -35.58 -31.75
C ASP A 479 2.39 -34.14 -31.83
N PRO A 480 3.56 -33.94 -32.45
CA PRO A 480 4.13 -32.59 -32.48
C PRO A 480 3.27 -31.58 -33.22
N LEU A 481 2.57 -32.01 -34.27
CA LEU A 481 1.74 -31.09 -35.04
C LEU A 481 0.59 -30.57 -34.19
N ALA A 482 0.01 -31.41 -33.34
CA ALA A 482 -1.04 -30.96 -32.44
C ALA A 482 -0.53 -29.91 -31.47
N ALA A 483 0.67 -30.12 -30.91
CA ALA A 483 1.24 -29.14 -30.00
C ALA A 483 1.53 -27.82 -30.71
N LEU A 484 2.04 -27.88 -31.93
CA LEU A 484 2.29 -26.67 -32.70
C LEU A 484 0.98 -25.95 -33.00
N ASP A 485 -0.07 -26.70 -33.33
CA ASP A 485 -1.37 -26.09 -33.56
C ASP A 485 -1.90 -25.42 -32.29
N ALA A 486 -1.68 -26.04 -31.13
CA ALA A 486 -2.12 -25.43 -29.88
C ALA A 486 -1.36 -24.14 -29.59
N ALA A 487 -0.06 -24.14 -29.84
CA ALA A 487 0.73 -22.92 -29.66
C ALA A 487 0.27 -21.82 -30.61
N LEU A 488 0.00 -22.18 -31.87
CA LEU A 488 -0.51 -21.23 -32.83
C LEU A 488 -1.87 -20.68 -32.39
N ALA A 489 -2.70 -21.55 -31.83
CA ALA A 489 -4.01 -21.12 -31.33
C ALA A 489 -3.87 -20.14 -30.18
N SER A 490 -2.93 -20.40 -29.26
CA SER A 490 -2.71 -19.46 -28.16
C SER A 490 -2.25 -18.10 -28.66
N VAL A 491 -1.30 -18.10 -29.61
CA VAL A 491 -0.83 -16.84 -30.17
C VAL A 491 -1.96 -16.11 -30.89
N ASP A 492 -2.77 -16.85 -31.65
CA ASP A 492 -3.88 -16.23 -32.36
C ASP A 492 -4.91 -15.66 -31.39
N ALA A 493 -5.16 -16.35 -30.28
CA ALA A 493 -6.10 -15.83 -29.29
C ALA A 493 -5.60 -14.54 -28.67
N LEU A 494 -4.31 -14.49 -28.32
CA LEU A 494 -3.77 -13.25 -27.78
C LEU A 494 -3.82 -12.13 -28.81
N ARG A 495 -3.52 -12.45 -30.08
CA ARG A 495 -3.60 -11.44 -31.13
C ARG A 495 -5.03 -10.95 -31.31
N SER A 496 -6.01 -11.84 -31.22
CA SER A 496 -7.41 -11.42 -31.30
C SER A 496 -7.79 -10.50 -30.16
N ASP A 497 -7.34 -10.82 -28.95
CA ASP A 497 -7.61 -9.93 -27.82
C ASP A 497 -6.98 -8.55 -28.05
N LEU A 498 -5.75 -8.53 -28.56
CA LEU A 498 -5.09 -7.25 -28.82
C LEU A 498 -5.82 -6.46 -29.91
N GLY A 499 -6.26 -7.13 -30.96
CA GLY A 499 -7.01 -6.43 -31.99
C GLY A 499 -8.31 -5.87 -31.48
N ALA A 500 -9.01 -6.63 -30.64
CA ALA A 500 -10.24 -6.13 -30.04
C ALA A 500 -9.96 -4.90 -29.19
N ILE A 501 -8.87 -4.92 -28.41
CA ILE A 501 -8.57 -3.77 -27.56
C ILE A 501 -8.17 -2.58 -28.42
N GLN A 502 -7.53 -2.82 -29.58
CA GLN A 502 -7.21 -1.73 -30.49
C GLN A 502 -8.47 -1.08 -31.03
N ASN A 503 -9.44 -1.88 -31.44
CA ASN A 503 -10.71 -1.32 -31.93
C ASN A 503 -11.41 -0.55 -30.82
N ARG A 504 -11.39 -1.09 -29.60
CA ARG A 504 -12.00 -0.38 -28.47
C ARG A 504 -11.31 0.95 -28.22
N PHE A 505 -9.98 0.98 -28.33
CA PHE A 505 -9.25 2.22 -28.14
C PHE A 505 -9.57 3.23 -29.23
N ASP A 506 -9.75 2.77 -30.48
CA ASP A 506 -10.16 3.68 -31.54
C ASP A 506 -11.51 4.31 -31.24
N SER A 507 -12.47 3.48 -30.80
CA SER A 507 -13.78 4.00 -30.45
C SER A 507 -13.69 4.98 -29.28
N ALA A 508 -12.85 4.65 -28.29
CA ALA A 508 -12.68 5.54 -27.15
C ALA A 508 -12.09 6.88 -27.58
N ILE A 509 -11.14 6.86 -28.51
CA ILE A 509 -10.54 8.10 -28.98
C ILE A 509 -11.57 8.95 -29.71
N ASN A 510 -12.39 8.31 -30.56
CA ASN A 510 -13.45 9.06 -31.23
C ASN A 510 -14.39 9.70 -30.21
N ASN A 511 -14.80 8.94 -29.21
CA ASN A 511 -15.70 9.46 -28.19
C ASN A 511 -15.05 10.60 -27.41
N LEU A 512 -13.77 10.45 -27.08
CA LEU A 512 -13.07 11.50 -26.34
C LEU A 512 -13.00 12.79 -27.16
N SER A 513 -12.69 12.69 -28.45
CA SER A 513 -12.61 13.87 -29.28
C SER A 513 -13.96 14.56 -29.38
N THR A 514 -15.03 13.77 -29.60
CA THR A 514 -16.36 14.36 -29.70
C THR A 514 -16.77 15.04 -28.40
N THR A 515 -16.53 14.37 -27.27
CA THR A 515 -16.90 14.95 -25.98
C THR A 515 -16.09 16.20 -25.67
N THR A 516 -14.80 16.18 -26.02
CA THR A 516 -13.98 17.37 -25.81
C THR A 516 -14.48 18.53 -26.64
N THR A 517 -14.86 18.28 -27.89
CA THR A 517 -15.40 19.34 -28.73
C THR A 517 -16.69 19.90 -28.15
N ASN A 518 -17.59 19.01 -27.70
CA ASN A 518 -18.86 19.47 -27.16
C ASN A 518 -18.68 20.26 -25.87
N LEU A 519 -17.80 19.79 -24.99
CA LEU A 519 -17.55 20.52 -23.75
C LEU A 519 -16.84 21.84 -24.01
N SER A 520 -15.97 21.89 -25.02
CA SER A 520 -15.34 23.14 -25.39
C SER A 520 -16.38 24.13 -25.90
N ALA A 521 -17.34 23.66 -26.68
CA ALA A 521 -18.42 24.53 -27.13
C ALA A 521 -19.23 25.05 -25.94
N ALA A 522 -19.56 24.18 -24.99
CA ALA A 522 -20.33 24.60 -23.82
C ALA A 522 -19.55 25.63 -23.00
N ARG A 523 -18.26 25.38 -22.78
CA ARG A 523 -17.45 26.34 -22.05
C ARG A 523 -17.32 27.66 -22.80
N SER A 524 -17.25 27.61 -24.13
CA SER A 524 -17.23 28.84 -24.90
C SER A 524 -18.52 29.63 -24.71
N ARG A 525 -19.66 28.94 -24.71
CA ARG A 525 -20.93 29.62 -24.47
C ARG A 525 -20.93 30.28 -23.09
N ILE A 526 -20.45 29.56 -22.07
CA ILE A 526 -20.49 30.11 -20.72
C ILE A 526 -19.52 31.27 -20.55
N GLU A 527 -18.31 31.14 -21.08
CA GLU A 527 -17.18 31.99 -20.71
C GLU A 527 -16.75 32.99 -21.77
N ASP A 528 -16.75 32.61 -23.04
CA ASP A 528 -16.19 33.48 -24.07
C ASP A 528 -17.02 34.74 -24.23
N ALA A 529 -16.35 35.81 -24.65
CA ALA A 529 -16.99 37.11 -24.79
C ALA A 529 -17.49 37.30 -26.22
N ASP A 530 -18.76 37.65 -26.36
CA ASP A 530 -19.30 38.08 -27.65
C ASP A 530 -18.70 39.43 -28.00
N TYR A 531 -17.89 39.47 -29.06
CA TYR A 531 -17.14 40.68 -29.34
C TYR A 531 -18.03 41.81 -29.83
N ALA A 532 -19.10 41.47 -30.55
CA ALA A 532 -20.03 42.51 -31.00
C ALA A 532 -20.68 43.22 -29.82
N VAL A 533 -21.12 42.45 -28.83
CA VAL A 533 -21.75 43.03 -27.65
C VAL A 533 -20.76 43.89 -26.89
N GLU A 534 -19.53 43.41 -26.73
CA GLU A 534 -18.55 44.17 -25.95
C GLU A 534 -18.13 45.44 -26.67
N VAL A 535 -18.01 45.41 -27.99
CA VAL A 535 -17.71 46.63 -28.73
C VAL A 535 -18.86 47.62 -28.63
N ALA A 536 -20.11 47.13 -28.67
CA ALA A 536 -21.26 48.00 -28.49
C ALA A 536 -21.23 48.67 -27.12
N ASN A 537 -20.93 47.89 -26.08
CA ASN A 537 -20.84 48.45 -24.73
C ASN A 537 -19.71 49.45 -24.61
N MET A 538 -18.56 49.15 -25.23
CA MET A 538 -17.45 50.09 -25.26
C MET A 538 -17.86 51.41 -25.89
N THR A 539 -18.52 51.35 -27.05
CA THR A 539 -18.91 52.58 -27.75
C THR A 539 -19.92 53.38 -26.92
N LYS A 540 -20.90 52.69 -26.34
CA LYS A 540 -21.88 53.37 -25.52
C LYS A 540 -21.24 54.04 -24.32
N ALA A 541 -20.31 53.33 -23.66
CA ALA A 541 -19.64 53.89 -22.50
C ALA A 541 -18.78 55.08 -22.88
N GLN A 542 -18.12 55.02 -24.05
CA GLN A 542 -17.32 56.16 -24.49
C GLN A 542 -18.19 57.38 -24.78
N ILE A 543 -19.32 57.18 -25.46
CA ILE A 543 -20.21 58.30 -25.73
C ILE A 543 -20.72 58.90 -24.43
N LEU A 544 -21.10 58.04 -23.48
CA LEU A 544 -21.57 58.53 -22.19
C LEU A 544 -20.47 59.27 -21.44
N GLN A 545 -19.22 58.80 -21.54
CA GLN A 545 -18.12 59.48 -20.87
C GLN A 545 -17.91 60.88 -21.44
N GLN A 546 -17.96 61.01 -22.78
CA GLN A 546 -17.83 62.32 -23.38
C GLN A 546 -18.97 63.24 -22.99
N ALA A 547 -20.20 62.72 -23.01
CA ALA A 547 -21.36 63.52 -22.63
C ALA A 547 -21.26 63.97 -21.17
N GLY A 548 -20.84 63.06 -20.29
CA GLY A 548 -20.69 63.41 -18.89
C GLY A 548 -19.60 64.44 -18.67
N THR A 549 -18.51 64.35 -19.42
CA THR A 549 -17.46 65.35 -19.29
C THR A 549 -17.95 66.73 -19.72
N SER A 550 -18.68 66.79 -20.83
CA SER A 550 -19.25 68.06 -21.27
C SER A 550 -20.22 68.62 -20.23
N VAL A 551 -21.10 67.77 -19.71
CA VAL A 551 -22.09 68.21 -18.73
C VAL A 551 -21.40 68.66 -17.45
N LEU A 552 -20.33 67.98 -17.06
CA LEU A 552 -19.60 68.35 -15.86
C LEU A 552 -18.92 69.70 -16.03
N ALA A 553 -18.37 69.97 -17.22
CA ALA A 553 -17.80 71.29 -17.47
C ALA A 553 -18.88 72.36 -17.37
N GLN A 554 -20.05 72.11 -17.96
CA GLN A 554 -21.15 73.08 -17.86
C GLN A 554 -21.59 73.28 -16.41
N ALA A 555 -21.66 72.20 -15.65
CA ALA A 555 -22.13 72.28 -14.27
C ALA A 555 -21.15 73.08 -13.42
N ASN A 556 -19.85 72.86 -13.61
CA ASN A 556 -18.88 73.70 -12.94
C ASN A 556 -18.95 75.14 -13.42
N GLN A 557 -19.41 75.36 -14.65
CA GLN A 557 -19.58 76.70 -15.19
C GLN A 557 -20.74 77.48 -14.58
N VAL A 558 -21.84 76.81 -14.26
CA VAL A 558 -23.09 77.52 -13.93
C VAL A 558 -22.99 78.53 -12.77
N PRO A 559 -22.29 78.26 -11.65
CA PRO A 559 -22.36 79.22 -10.53
C PRO A 559 -21.69 80.55 -10.80
N GLN A 560 -20.86 80.65 -11.84
CA GLN A 560 -20.07 81.86 -12.04
C GLN A 560 -20.92 83.07 -12.41
N SER A 561 -22.19 82.86 -12.77
CA SER A 561 -23.06 83.99 -13.07
C SER A 561 -23.23 84.90 -11.85
N VAL A 562 -23.05 84.33 -10.66
CA VAL A 562 -23.23 85.08 -9.43
C VAL A 562 -22.23 86.23 -9.35
N LEU A 563 -20.99 86.00 -9.81
CA LEU A 563 -19.98 87.04 -9.76
C LEU A 563 -20.38 88.26 -10.56
N SER A 564 -20.79 88.04 -11.81
CA SER A 564 -21.21 89.15 -12.66
C SER A 564 -22.48 89.80 -12.13
N LEU A 565 -23.42 88.99 -11.65
CA LEU A 565 -24.70 89.54 -11.22
C LEU A 565 -24.59 90.18 -9.84
N LEU A 566 -23.44 90.01 -9.17
CA LEU A 566 -23.27 90.57 -7.83
C LEU A 566 -23.02 92.07 -7.90
N GLY A 567 -22.17 92.50 -8.82
CA GLY A 567 -21.87 93.92 -8.97
C GLY A 567 -20.89 94.44 -7.94
N ILE B 4 -32.94 122.98 20.51
CA ILE B 4 -32.92 123.18 21.96
C ILE B 4 -31.66 122.50 22.50
N ASN B 5 -31.83 121.64 23.51
CA ASN B 5 -30.74 120.79 23.99
C ASN B 5 -30.93 119.34 23.59
N THR B 6 -32.16 118.95 23.28
CA THR B 6 -32.46 117.59 22.83
C THR B 6 -32.78 117.61 21.34
N ASN B 7 -32.47 116.49 20.68
CA ASN B 7 -32.60 116.35 19.24
C ASN B 7 -33.30 115.04 18.91
N ILE B 8 -34.46 114.82 19.53
CA ILE B 8 -35.17 113.55 19.43
C ILE B 8 -35.14 113.00 18.00
N THR B 9 -35.37 113.87 17.02
CA THR B 9 -35.35 113.41 15.63
C THR B 9 -33.99 112.84 15.24
N SER B 10 -32.90 113.46 15.70
CA SER B 10 -31.58 112.89 15.45
C SER B 10 -31.43 111.55 16.15
N LEU B 11 -32.08 111.37 17.30
CA LEU B 11 -31.99 110.09 18.00
C LEU B 11 -32.69 108.99 17.22
N ILE B 12 -33.89 109.25 16.68
CA ILE B 12 -34.53 108.26 15.82
C ILE B 12 -33.67 108.01 14.58
N ALA B 13 -33.08 109.07 14.02
CA ALA B 13 -32.22 108.89 12.85
C ALA B 13 -31.05 107.98 13.18
N GLN B 14 -30.42 108.17 14.34
CA GLN B 14 -29.29 107.34 14.74
C GLN B 14 -29.69 105.89 14.94
N LYS B 15 -30.84 105.66 15.59
CA LYS B 15 -31.27 104.28 15.81
C LYS B 15 -31.58 103.59 14.47
N ASN B 16 -32.29 104.28 13.59
CA ASN B 16 -32.61 103.69 12.29
C ASN B 16 -31.35 103.47 11.46
N LEU B 17 -30.37 104.35 11.62
CA LEU B 17 -29.09 104.13 10.95
C LEU B 17 -28.42 102.87 11.49
N SER B 18 -28.28 102.77 12.81
CA SER B 18 -27.60 101.63 13.41
C SER B 18 -28.27 100.31 13.06
N SER B 19 -29.58 100.30 12.81
CA SER B 19 -30.19 99.09 12.28
C SER B 19 -29.67 98.74 10.88
N SER B 20 -29.45 99.74 10.04
CA SER B 20 -28.96 99.50 8.68
C SER B 20 -27.52 98.98 8.68
N GLN B 21 -26.67 99.46 9.59
CA GLN B 21 -25.35 98.87 9.74
C GLN B 21 -25.44 97.38 10.04
N SER B 22 -26.32 97.00 10.97
CA SER B 22 -26.43 95.58 11.31
C SER B 22 -26.88 94.76 10.11
N ALA B 23 -27.90 95.24 9.39
CA ALA B 23 -28.36 94.50 8.22
C ALA B 23 -27.28 94.41 7.16
N LEU B 24 -26.58 95.51 6.91
CA LEU B 24 -25.52 95.55 5.91
C LEU B 24 -24.39 94.61 6.28
N THR B 25 -23.99 94.61 7.55
CA THR B 25 -22.90 93.74 7.99
C THR B 25 -23.29 92.27 7.86
N THR B 26 -24.53 91.93 8.23
CA THR B 26 -24.98 90.55 8.04
C THR B 26 -24.94 90.16 6.56
N ALA B 27 -25.39 91.05 5.68
CA ALA B 27 -25.37 90.75 4.25
C ALA B 27 -23.95 90.57 3.75
N MET B 28 -23.03 91.46 4.15
CA MET B 28 -21.64 91.33 3.72
C MET B 28 -21.02 90.03 4.20
N GLU B 29 -21.26 89.66 5.45
CA GLU B 29 -20.68 88.43 5.97
C GLU B 29 -21.23 87.22 5.22
N ARG B 30 -22.55 87.19 4.99
CA ARG B 30 -23.13 86.07 4.26
C ARG B 30 -22.64 86.01 2.82
N LEU B 31 -22.37 87.16 2.21
CA LEU B 31 -21.87 87.17 0.84
C LEU B 31 -20.43 86.69 0.77
N SER B 32 -19.58 87.18 1.67
CA SER B 32 -18.17 86.80 1.65
C SER B 32 -17.98 85.34 2.01
N SER B 33 -18.68 84.85 3.02
CA SER B 33 -18.49 83.48 3.46
C SER B 33 -19.23 82.47 2.60
N GLY B 34 -20.31 82.87 1.94
CA GLY B 34 -21.12 81.94 1.19
C GLY B 34 -22.02 81.05 2.02
N MET B 35 -22.14 81.34 3.31
CA MET B 35 -22.96 80.56 4.23
C MET B 35 -24.05 81.44 4.83
N ARG B 36 -25.27 80.92 4.88
CA ARG B 36 -26.34 81.62 5.56
C ARG B 36 -26.16 81.59 7.07
N ILE B 37 -25.80 80.42 7.61
CA ILE B 37 -25.63 80.25 9.06
C ILE B 37 -24.14 80.41 9.34
N ASN B 38 -23.74 81.61 9.70
CA ASN B 38 -22.38 81.89 10.13
C ASN B 38 -22.22 81.84 11.64
N SER B 39 -23.29 81.61 12.38
CA SER B 39 -23.26 81.56 13.82
C SER B 39 -24.54 80.92 14.33
N ALA B 40 -24.55 80.59 15.62
CA ALA B 40 -25.77 80.10 16.24
C ALA B 40 -26.85 81.17 16.30
N LYS B 41 -26.46 82.44 16.17
CA LYS B 41 -27.43 83.53 16.16
C LYS B 41 -28.38 83.40 14.98
N ASP B 42 -27.84 83.04 13.81
CA ASP B 42 -28.66 82.96 12.61
C ASP B 42 -29.73 81.88 12.72
N ASP B 43 -29.31 80.65 13.06
CA ASP B 43 -30.26 79.55 13.19
C ASP B 43 -29.61 78.48 14.07
N ALA B 44 -30.01 78.43 15.35
CA ALA B 44 -29.42 77.47 16.26
C ALA B 44 -29.79 76.03 15.88
N ALA B 45 -31.09 75.78 15.69
CA ALA B 45 -31.52 74.44 15.28
C ALA B 45 -30.99 74.09 13.90
N GLY B 46 -31.01 75.06 12.99
CA GLY B 46 -30.42 74.85 11.69
C GLY B 46 -28.93 74.54 11.76
N GLN B 47 -28.21 75.25 12.63
CA GLN B 47 -26.78 74.99 12.77
C GLN B 47 -26.55 73.58 13.31
N ALA B 48 -27.33 73.16 14.30
CA ALA B 48 -27.15 71.82 14.85
C ALA B 48 -27.44 70.74 13.81
N ILE B 49 -28.56 70.89 13.10
CA ILE B 49 -28.91 69.90 12.09
C ILE B 49 -27.86 69.88 10.98
N ALA B 50 -27.35 71.05 10.61
CA ALA B 50 -26.32 71.13 9.58
C ALA B 50 -25.03 70.50 10.04
N ASN B 51 -24.66 70.68 11.31
CA ASN B 51 -23.44 70.04 11.82
C ASN B 51 -23.57 68.53 11.81
N ARG B 52 -24.74 68.02 12.21
CA ARG B 52 -24.95 66.58 12.15
C ARG B 52 -24.88 66.08 10.71
N MET B 53 -25.47 66.83 9.78
CA MET B 53 -25.38 66.45 8.36
C MET B 53 -23.95 66.49 7.87
N SER B 54 -23.17 67.48 8.31
CA SER B 54 -21.77 67.57 7.90
C SER B 54 -20.98 66.37 8.42
N SER B 55 -21.21 66.00 9.67
CA SER B 55 -20.53 64.84 10.22
C SER B 55 -20.91 63.58 9.45
N GLN B 56 -22.19 63.43 9.12
CA GLN B 56 -22.62 62.27 8.35
C GLN B 56 -22.00 62.27 6.96
N ILE B 57 -21.91 63.42 6.31
CA ILE B 57 -21.35 63.50 4.97
C ILE B 57 -19.86 63.15 4.99
N THR B 58 -19.13 63.69 5.96
CA THR B 58 -17.71 63.35 6.06
C THR B 58 -17.52 61.87 6.34
N GLY B 59 -18.33 61.32 7.24
CA GLY B 59 -18.25 59.89 7.52
C GLY B 59 -18.58 59.05 6.31
N LEU B 60 -19.53 59.51 5.49
CA LEU B 60 -19.91 58.74 4.31
C LEU B 60 -18.82 58.78 3.24
N THR B 61 -18.15 59.92 3.09
CA THR B 61 -17.00 59.97 2.17
C THR B 61 -15.88 59.05 2.65
N GLN B 62 -15.56 59.10 3.95
CA GLN B 62 -14.55 58.20 4.47
C GLN B 62 -14.97 56.75 4.34
N ALA B 63 -16.27 56.47 4.44
CA ALA B 63 -16.76 55.10 4.25
C ALA B 63 -16.66 54.68 2.79
N GLN B 64 -16.83 55.61 1.86
CA GLN B 64 -16.57 55.28 0.46
C GLN B 64 -15.12 54.88 0.27
N ARG B 65 -14.20 55.62 0.89
CA ARG B 65 -12.79 55.25 0.79
C ARG B 65 -12.53 53.88 1.43
N ASN B 66 -13.16 53.61 2.57
CA ASN B 66 -13.00 52.32 3.22
C ASN B 66 -13.53 51.19 2.36
N ALA B 67 -14.68 51.40 1.71
CA ALA B 67 -15.23 50.40 0.82
C ALA B 67 -14.31 50.17 -0.38
N ASN B 68 -13.66 51.22 -0.86
CA ASN B 68 -12.67 51.04 -1.92
C ASN B 68 -11.50 50.19 -1.43
N ASP B 69 -11.07 50.40 -0.19
CA ASP B 69 -10.03 49.54 0.38
C ASP B 69 -10.48 48.08 0.48
N GLY B 70 -11.73 47.85 0.86
CA GLY B 70 -12.24 46.49 0.90
C GLY B 70 -12.28 45.86 -0.49
N ILE B 71 -12.66 46.65 -1.50
CA ILE B 71 -12.60 46.19 -2.88
C ILE B 71 -11.18 45.77 -3.23
N SER B 72 -10.20 46.57 -2.82
CA SER B 72 -8.80 46.25 -3.09
C SER B 72 -8.40 44.94 -2.43
N VAL B 73 -8.80 44.74 -1.18
CA VAL B 73 -8.46 43.51 -0.48
C VAL B 73 -9.05 42.30 -1.20
N ALA B 74 -10.33 42.38 -1.56
CA ALA B 74 -10.97 41.26 -2.24
C ALA B 74 -10.33 40.99 -3.59
N GLN B 75 -9.97 42.05 -4.32
CA GLN B 75 -9.33 41.88 -5.62
C GLN B 75 -7.99 41.18 -5.49
N THR B 76 -7.18 41.59 -4.50
CA THR B 76 -5.88 40.96 -4.30
C THR B 76 -6.04 39.48 -3.94
N THR B 77 -6.95 39.17 -3.03
CA THR B 77 -7.14 37.78 -2.64
C THR B 77 -7.62 36.92 -3.80
N GLU B 78 -8.56 37.44 -4.60
CA GLU B 78 -9.04 36.67 -5.75
C GLU B 78 -7.95 36.52 -6.80
N GLY B 79 -7.10 37.52 -6.96
CA GLY B 79 -5.98 37.39 -7.89
C GLY B 79 -5.03 36.28 -7.47
N ALA B 80 -4.74 36.19 -6.17
CA ALA B 80 -3.91 35.09 -5.70
C ALA B 80 -4.60 33.73 -5.92
N LEU B 81 -5.89 33.67 -5.61
CA LEU B 81 -6.62 32.42 -5.79
C LEU B 81 -6.69 31.98 -7.24
N ASP B 82 -6.68 32.92 -8.19
CA ASP B 82 -6.66 32.52 -9.60
C ASP B 82 -5.39 31.77 -9.94
N GLN B 83 -4.23 32.24 -9.46
CA GLN B 83 -2.98 31.53 -9.68
C GLN B 83 -2.99 30.17 -8.99
N ILE B 84 -3.54 30.12 -7.78
CA ILE B 84 -3.64 28.83 -7.09
C ILE B 84 -4.49 27.87 -7.90
N ASN B 85 -5.58 28.36 -8.49
CA ASN B 85 -6.43 27.53 -9.35
C ASN B 85 -5.67 27.04 -10.57
N ASP B 86 -4.87 27.91 -11.18
CA ASP B 86 -4.10 27.50 -12.35
C ASP B 86 -3.11 26.40 -12.00
N ASN B 87 -2.42 26.54 -10.86
CA ASN B 87 -1.51 25.49 -10.41
C ASN B 87 -2.26 24.19 -10.14
N LEU B 88 -3.43 24.28 -9.50
CA LEU B 88 -4.21 23.08 -9.23
C LEU B 88 -4.64 22.38 -10.51
N GLN B 89 -5.05 23.15 -11.52
CA GLN B 89 -5.46 22.56 -12.78
C GLN B 89 -4.28 21.88 -13.48
N ARG B 90 -3.09 22.49 -13.43
CA ARG B 90 -1.93 21.84 -14.02
C ARG B 90 -1.59 20.55 -13.27
N ILE B 91 -1.69 20.58 -11.94
CA ILE B 91 -1.46 19.36 -11.16
C ILE B 91 -2.45 18.28 -11.54
N ARG B 92 -3.71 18.67 -11.76
CA ARG B 92 -4.72 17.69 -12.15
C ARG B 92 -4.41 17.08 -13.51
N GLU B 93 -3.96 17.90 -14.46
CA GLU B 93 -3.57 17.37 -15.76
C GLU B 93 -2.41 16.41 -15.64
N LEU B 94 -1.42 16.75 -14.82
CA LEU B 94 -0.29 15.84 -14.59
C LEU B 94 -0.75 14.54 -13.96
N THR B 95 -1.69 14.61 -13.01
CA THR B 95 -2.21 13.41 -12.39
C THR B 95 -2.94 12.53 -13.39
N VAL B 96 -3.72 13.14 -14.27
CA VAL B 96 -4.38 12.38 -15.33
C VAL B 96 -3.34 11.70 -16.20
N GLN B 97 -2.23 12.38 -16.48
CA GLN B 97 -1.16 11.76 -17.24
C GLN B 97 -0.54 10.59 -16.48
N ALA B 98 -0.45 10.71 -15.16
CA ALA B 98 0.27 9.70 -14.37
C ALA B 98 -0.50 8.40 -14.25
N GLN B 99 -1.82 8.45 -14.35
CA GLN B 99 -2.61 7.23 -14.20
C GLN B 99 -2.43 6.25 -15.35
N ASN B 100 -1.79 6.68 -16.44
CA ASN B 100 -1.52 5.77 -17.54
C ASN B 100 -0.56 4.67 -17.10
N GLY B 101 -0.86 3.44 -17.51
CA GLY B 101 -0.03 2.32 -17.12
C GLY B 101 1.29 2.23 -17.86
N THR B 102 1.42 2.93 -18.98
CA THR B 102 2.64 2.88 -19.76
C THR B 102 3.79 3.64 -19.10
N ASN B 103 3.50 4.55 -18.19
CA ASN B 103 4.57 5.28 -17.52
C ASN B 103 5.40 4.36 -16.64
N SER B 104 6.71 4.53 -16.69
CA SER B 104 7.61 3.79 -15.83
C SER B 104 7.78 4.55 -14.51
N SER B 105 8.62 3.99 -13.63
CA SER B 105 8.88 4.67 -12.36
C SER B 105 9.60 5.99 -12.58
N GLU B 106 10.52 6.03 -13.54
CA GLU B 106 11.20 7.30 -13.85
C GLU B 106 10.24 8.34 -14.37
N ASP B 107 9.29 7.93 -15.22
CA ASP B 107 8.29 8.86 -15.71
C ASP B 107 7.42 9.39 -14.58
N LEU B 108 7.03 8.51 -13.66
CA LEU B 108 6.24 8.95 -12.52
C LEU B 108 7.02 9.93 -11.64
N THR B 109 8.31 9.68 -11.46
CA THR B 109 9.12 10.60 -10.66
C THR B 109 9.29 11.94 -11.37
N SER B 110 9.44 11.94 -12.68
CA SER B 110 9.54 13.19 -13.42
C SER B 110 8.25 13.99 -13.33
N ILE B 111 7.10 13.31 -13.40
CA ILE B 111 5.82 13.98 -13.21
C ILE B 111 5.72 14.53 -11.78
N GLN B 112 6.16 13.74 -10.80
CA GLN B 112 6.10 14.15 -9.41
C GLN B 112 7.00 15.36 -9.15
N ASN B 113 8.08 15.51 -9.90
CA ASN B 113 8.91 16.70 -9.75
C ASN B 113 8.11 17.97 -9.98
N GLU B 114 7.39 18.03 -11.11
CA GLU B 114 6.59 19.21 -11.40
C GLU B 114 5.40 19.32 -10.46
N ILE B 115 4.81 18.19 -10.06
CA ILE B 115 3.70 18.25 -9.13
C ILE B 115 4.13 18.86 -7.81
N ALA B 116 5.30 18.43 -7.29
CA ALA B 116 5.82 18.99 -6.07
C ALA B 116 6.19 20.46 -6.23
N GLN B 117 6.74 20.83 -7.39
CA GLN B 117 7.05 22.23 -7.63
C GLN B 117 5.79 23.08 -7.60
N ARG B 118 4.71 22.60 -8.20
CA ARG B 118 3.47 23.37 -8.22
C ARG B 118 2.82 23.44 -6.84
N LEU B 119 2.91 22.35 -6.06
CA LEU B 119 2.41 22.41 -4.70
C LEU B 119 3.21 23.41 -3.86
N ASP B 120 4.53 23.43 -4.05
CA ASP B 120 5.36 24.42 -3.38
C ASP B 120 4.99 25.83 -3.82
N GLU B 121 4.65 26.00 -5.11
CA GLU B 121 4.20 27.30 -5.59
C GLU B 121 2.88 27.72 -4.95
N ILE B 122 1.97 26.76 -4.76
CA ILE B 122 0.72 27.06 -4.07
C ILE B 122 1.01 27.54 -2.65
N ASP B 123 1.90 26.85 -1.95
CA ASP B 123 2.26 27.26 -0.60
C ASP B 123 2.93 28.62 -0.59
N ARG B 124 3.79 28.90 -1.58
CA ARG B 124 4.45 30.20 -1.65
C ARG B 124 3.45 31.32 -1.89
N ILE B 125 2.48 31.10 -2.79
CA ILE B 125 1.45 32.09 -3.00
C ILE B 125 0.66 32.32 -1.73
N SER B 126 0.37 31.25 -1.00
CA SER B 126 -0.37 31.39 0.25
C SER B 126 0.41 32.21 1.27
N GLN B 127 1.69 31.91 1.45
CA GLN B 127 2.47 32.58 2.48
C GLN B 127 2.91 33.99 2.10
N GLU B 128 2.94 34.32 0.81
CA GLU B 128 3.51 35.58 0.37
C GLU B 128 2.49 36.63 -0.04
N THR B 129 1.30 36.22 -0.48
CA THR B 129 0.28 37.19 -0.86
C THR B 129 -0.14 37.98 0.37
N GLU B 130 -0.08 39.30 0.26
CA GLU B 130 -0.29 40.17 1.41
C GLU B 130 -0.82 41.51 0.94
N PHE B 131 -1.79 42.03 1.68
CA PHE B 131 -2.32 43.38 1.46
C PHE B 131 -2.13 44.17 2.74
N ASN B 132 -1.31 45.23 2.67
CA ASN B 132 -1.05 46.10 3.81
C ASN B 132 -0.57 45.31 5.02
N GLY B 133 0.35 44.38 4.77
CA GLY B 133 0.90 43.59 5.85
C GLY B 133 -0.03 42.54 6.41
N VAL B 134 -1.10 42.20 5.70
CA VAL B 134 -2.07 41.21 6.14
C VAL B 134 -1.99 40.03 5.18
N LYS B 135 -1.62 38.87 5.70
CA LYS B 135 -1.59 37.65 4.91
C LYS B 135 -3.03 37.20 4.69
N VAL B 136 -3.58 37.53 3.53
CA VAL B 136 -5.00 37.30 3.28
C VAL B 136 -5.33 35.82 3.08
N LEU B 137 -4.33 34.97 2.84
CA LEU B 137 -4.57 33.57 2.55
C LEU B 137 -4.01 32.64 3.63
N SER B 138 -3.69 33.18 4.80
CA SER B 138 -3.05 32.40 5.85
C SER B 138 -3.93 32.11 7.05
N LYS B 139 -5.01 32.86 7.25
CA LYS B 139 -5.82 32.74 8.44
C LYS B 139 -7.30 32.68 8.06
N ASP B 140 -8.06 31.91 8.83
CA ASP B 140 -9.52 31.88 8.71
C ASP B 140 -10.08 32.99 9.59
N THR B 141 -10.17 34.19 9.02
CA THR B 141 -10.59 35.34 9.81
C THR B 141 -11.70 36.12 9.12
N ASN B 142 -12.05 37.27 9.68
CA ASN B 142 -13.12 38.12 9.14
C ASN B 142 -12.65 39.56 9.19
N LEU B 143 -12.45 40.15 8.00
CA LEU B 143 -12.07 41.55 7.91
C LEU B 143 -13.32 42.42 7.90
N ASN B 144 -13.38 43.40 8.80
CA ASN B 144 -14.51 44.30 8.88
C ASN B 144 -14.18 45.60 8.17
N ILE B 145 -15.02 45.98 7.20
CA ILE B 145 -14.85 47.20 6.44
C ILE B 145 -15.97 48.14 6.84
N GLN B 146 -15.61 49.30 7.38
CA GLN B 146 -16.58 50.28 7.83
C GLN B 146 -17.17 51.01 6.64
N VAL B 147 -18.43 50.73 6.32
CA VAL B 147 -19.09 51.32 5.17
C VAL B 147 -20.20 52.26 5.63
N GLY B 148 -20.05 52.80 6.84
CA GLY B 148 -21.04 53.70 7.38
C GLY B 148 -20.39 54.80 8.20
N ALA B 149 -21.17 55.84 8.44
CA ALA B 149 -20.68 56.99 9.19
C ALA B 149 -20.84 56.84 10.69
N ASN B 150 -21.53 55.80 11.15
CA ASN B 150 -21.78 55.58 12.57
C ASN B 150 -21.22 54.22 12.98
N ASP B 151 -21.16 54.01 14.29
CA ASP B 151 -20.58 52.80 14.83
C ASP B 151 -21.42 51.57 14.48
N GLY B 152 -20.75 50.50 14.08
CA GLY B 152 -21.41 49.23 13.83
C GLY B 152 -21.73 48.95 12.38
N GLN B 153 -21.81 49.98 11.54
CA GLN B 153 -22.10 49.76 10.13
C GLN B 153 -20.86 49.24 9.41
N SER B 154 -20.87 47.96 9.03
CA SER B 154 -19.69 47.34 8.47
C SER B 154 -20.09 46.16 7.61
N ILE B 155 -19.16 45.74 6.76
CA ILE B 155 -19.31 44.57 5.90
C ILE B 155 -18.15 43.62 6.19
N GLY B 156 -18.45 42.34 6.31
CA GLY B 156 -17.45 41.36 6.66
C GLY B 156 -16.97 40.57 5.45
N ILE B 157 -15.66 40.55 5.26
CA ILE B 157 -15.02 39.71 4.26
C ILE B 157 -14.50 38.47 4.98
N SER B 158 -15.01 37.30 4.59
CA SER B 158 -14.65 36.05 5.26
C SER B 158 -13.42 35.47 4.59
N LEU B 159 -12.26 35.74 5.18
CA LEU B 159 -11.00 35.24 4.66
C LEU B 159 -10.74 33.83 5.18
N LYS B 160 -10.16 32.99 4.34
CA LYS B 160 -9.89 31.61 4.67
C LYS B 160 -8.43 31.29 4.39
N GLN B 161 -7.90 30.33 5.15
CA GLN B 161 -6.52 29.88 4.97
C GLN B 161 -6.49 28.80 3.88
N ILE B 162 -5.74 29.07 2.82
CA ILE B 162 -5.66 28.19 1.66
C ILE B 162 -4.20 27.88 1.42
N ASN B 163 -3.76 26.70 1.87
CA ASN B 163 -2.44 26.18 1.56
C ASN B 163 -2.61 24.75 1.05
N ALA B 164 -1.48 24.11 0.73
CA ALA B 164 -1.54 22.74 0.24
C ALA B 164 -2.03 21.77 1.30
N LYS B 165 -2.01 22.17 2.57
CA LYS B 165 -2.45 21.30 3.66
C LYS B 165 -3.95 21.42 3.90
N THR B 166 -4.48 22.63 3.94
CA THR B 166 -5.91 22.82 4.17
C THR B 166 -6.75 22.36 2.98
N LEU B 167 -6.15 22.23 1.81
CA LEU B 167 -6.85 21.71 0.64
C LEU B 167 -6.88 20.19 0.60
N GLY B 168 -6.23 19.52 1.55
CA GLY B 168 -6.19 18.08 1.55
C GLY B 168 -5.15 17.49 0.66
N LEU B 169 -4.15 18.27 0.26
CA LEU B 169 -3.12 17.82 -0.66
C LEU B 169 -1.76 17.68 0.00
N ASP B 170 -1.73 17.57 1.33
CA ASP B 170 -0.47 17.33 2.02
C ASP B 170 0.01 15.93 1.71
N GLY B 171 1.27 15.81 1.31
CA GLY B 171 1.82 14.52 0.95
C GLY B 171 1.23 13.94 -0.32
N PHE B 172 0.65 14.78 -1.16
CA PHE B 172 0.12 14.32 -2.44
C PHE B 172 1.27 13.86 -3.33
N ASN B 173 1.11 12.69 -3.95
CA ASN B 173 2.14 12.16 -4.81
C ASN B 173 1.52 11.18 -5.81
N VAL B 174 2.24 10.96 -6.90
CA VAL B 174 1.87 9.94 -7.88
C VAL B 174 2.95 8.92 -8.11
N ASP B 175 4.16 9.13 -7.59
CA ASP B 175 5.28 8.22 -7.79
C ASP B 175 5.51 7.30 -6.61
N GLY B 176 4.67 7.36 -5.58
CA GLY B 176 4.84 6.48 -4.44
C GLY B 176 4.56 5.04 -4.78
N SER B 177 4.97 4.16 -3.86
CA SER B 177 4.81 2.73 -4.07
C SER B 177 3.35 2.33 -3.93
N GLY B 178 2.85 1.57 -4.91
CA GLY B 178 1.48 1.12 -4.88
C GLY B 178 1.33 -0.38 -4.71
N ALA B 179 0.84 -0.81 -3.55
CA ALA B 179 0.59 -2.20 -3.22
C ALA B 179 1.86 -3.04 -3.19
N THR B 180 1.80 -4.21 -2.54
CA THR B 180 2.95 -5.10 -2.41
C THR B 180 2.45 -6.53 -2.61
N GLN B 181 3.29 -7.50 -2.26
CA GLN B 181 2.94 -8.91 -2.37
C GLN B 181 2.88 -9.64 -1.05
N ASN B 182 3.29 -9.01 0.05
CA ASN B 182 3.08 -9.46 1.43
C ASN B 182 3.93 -10.66 1.84
N SER B 183 4.89 -11.07 1.02
CA SER B 183 6.00 -11.93 1.45
C SER B 183 5.49 -13.17 2.21
N THR B 184 4.85 -14.06 1.46
CA THR B 184 4.20 -15.26 1.99
C THR B 184 4.94 -15.86 3.19
N ALA B 185 4.20 -16.07 4.26
CA ALA B 185 4.79 -16.48 5.53
C ALA B 185 5.28 -17.92 5.49
N THR B 186 6.32 -18.19 6.28
CA THR B 186 6.85 -19.54 6.44
C THR B 186 6.91 -19.91 7.91
N VAL B 187 7.59 -21.02 8.24
CA VAL B 187 7.71 -21.44 9.63
C VAL B 187 8.59 -20.46 10.41
N THR B 188 9.53 -19.79 9.74
CA THR B 188 10.36 -18.81 10.41
C THR B 188 9.52 -17.65 10.95
N SER B 189 8.57 -17.17 10.15
CA SER B 189 7.65 -16.15 10.64
C SER B 189 6.82 -16.68 11.80
N LEU B 190 6.45 -17.96 11.75
CA LEU B 190 5.66 -18.54 12.83
C LEU B 190 6.43 -18.54 14.14
N GLU B 191 7.70 -18.96 14.11
CA GLU B 191 8.45 -19.00 15.36
C GLU B 191 8.85 -17.60 15.82
N GLY B 192 9.01 -16.67 14.87
CA GLY B 192 9.25 -15.29 15.26
C GLY B 192 8.05 -14.66 15.94
N ALA B 193 6.86 -15.00 15.48
CA ALA B 193 5.63 -14.49 16.08
C ALA B 193 5.30 -15.12 17.42
N GLY B 194 5.97 -16.20 17.79
CA GLY B 194 5.77 -16.84 19.07
C GLY B 194 4.91 -18.09 19.06
N ALA B 195 4.54 -18.59 17.88
CA ALA B 195 3.73 -19.81 17.81
C ALA B 195 4.56 -21.01 18.25
N VAL B 196 3.93 -21.92 18.99
CA VAL B 196 4.58 -23.14 19.45
C VAL B 196 3.97 -24.32 18.71
N LYS B 197 4.76 -25.39 18.58
CA LYS B 197 4.37 -26.56 17.81
C LYS B 197 3.95 -27.68 18.75
N ASN B 198 2.79 -28.29 18.47
CA ASN B 198 2.34 -29.45 19.22
C ASN B 198 2.87 -30.71 18.53
N SER B 199 3.66 -31.50 19.25
CA SER B 199 4.29 -32.67 18.65
C SER B 199 3.27 -33.71 18.19
N THR B 200 2.04 -33.65 18.71
CA THR B 200 1.01 -34.61 18.32
C THR B 200 0.66 -34.46 16.85
N THR B 201 0.41 -33.22 16.40
CA THR B 201 0.00 -32.96 15.02
C THR B 201 1.00 -32.12 14.24
N GLY B 202 1.87 -31.37 14.90
CA GLY B 202 2.83 -30.54 14.22
C GLY B 202 2.31 -29.21 13.76
N ASN B 203 1.09 -28.83 14.12
CA ASN B 203 0.50 -27.57 13.69
C ASN B 203 0.83 -26.48 14.70
N TYR B 204 1.56 -25.46 14.26
CA TYR B 204 1.97 -24.39 15.16
C TYR B 204 0.75 -23.62 15.65
N VAL B 205 0.62 -23.51 16.97
CA VAL B 205 -0.48 -22.79 17.59
C VAL B 205 0.07 -21.47 18.15
N LEU B 206 -0.57 -20.37 17.76
CA LEU B 206 -0.20 -19.03 18.20
C LEU B 206 -1.30 -18.50 19.10
N THR B 207 -0.96 -18.22 20.35
CA THR B 207 -1.89 -17.67 21.32
C THR B 207 -1.62 -16.18 21.47
N THR B 208 -2.67 -15.38 21.30
CA THR B 208 -2.57 -13.94 21.40
C THR B 208 -3.36 -13.51 22.63
N THR B 209 -2.69 -12.83 23.56
CA THR B 209 -3.32 -12.30 24.76
C THR B 209 -3.19 -10.79 24.75
N PHE B 210 -4.31 -10.09 24.86
CA PHE B 210 -4.31 -8.64 24.86
C PHE B 210 -4.22 -8.10 26.28
N ASP B 211 -3.88 -6.82 26.38
CA ASP B 211 -3.73 -6.14 27.66
C ASP B 211 -4.98 -5.33 27.95
N GLU B 212 -5.50 -5.48 29.16
CA GLU B 212 -6.70 -4.77 29.55
C GLU B 212 -6.44 -3.26 29.60
N ALA B 213 -7.48 -2.49 29.31
CA ALA B 213 -7.37 -1.04 29.34
C ALA B 213 -7.18 -0.55 30.77
N SER B 214 -6.31 0.44 30.94
CA SER B 214 -6.11 1.04 32.24
C SER B 214 -7.24 2.02 32.55
N LEU B 215 -7.30 2.45 33.81
CA LEU B 215 -8.27 3.47 34.19
C LEU B 215 -8.02 4.77 33.44
N GLU B 216 -6.75 5.14 33.26
CA GLU B 216 -6.42 6.29 32.43
C GLU B 216 -6.84 6.06 30.99
N ARG B 217 -6.63 4.85 30.47
CA ARG B 217 -6.98 4.56 29.08
C ARG B 217 -8.48 4.71 28.86
N MET B 218 -9.28 4.13 29.75
CA MET B 218 -10.74 4.25 29.62
C MET B 218 -11.21 5.67 29.91
N LEU B 219 -10.55 6.38 30.82
CA LEU B 219 -10.90 7.76 31.07
C LEU B 219 -10.68 8.61 29.83
N GLY B 220 -9.59 8.33 29.10
CA GLY B 220 -9.42 8.93 27.79
C GLY B 220 -10.49 8.48 26.80
N GLU B 221 -11.00 7.27 26.97
CA GLU B 221 -12.03 6.75 26.08
C GLU B 221 -13.45 7.08 26.51
N MET B 222 -13.63 7.84 27.59
CA MET B 222 -14.97 8.19 28.04
C MET B 222 -15.67 9.08 27.01
N LYS B 223 -16.99 8.98 26.99
CA LYS B 223 -17.83 9.79 26.12
C LYS B 223 -18.71 10.70 26.98
N ASP B 224 -19.60 11.43 26.30
CA ASP B 224 -20.46 12.38 27.00
C ASP B 224 -21.47 11.67 27.88
N GLY B 225 -21.64 12.18 29.10
CA GLY B 225 -22.59 11.64 30.04
C GLY B 225 -22.12 10.41 30.79
N ASP B 226 -20.99 9.81 30.41
CA ASP B 226 -20.51 8.61 31.06
C ASP B 226 -20.24 8.88 32.52
N VAL B 227 -20.70 7.98 33.39
CA VAL B 227 -20.64 8.15 34.84
C VAL B 227 -19.62 7.18 35.41
N VAL B 228 -18.69 7.71 36.19
CA VAL B 228 -17.73 6.90 36.93
C VAL B 228 -17.93 7.15 38.41
N THR B 229 -18.16 6.07 39.15
CA THR B 229 -18.27 6.12 40.60
C THR B 229 -16.89 5.90 41.20
N VAL B 230 -16.52 6.77 42.15
CA VAL B 230 -15.22 6.72 42.81
C VAL B 230 -15.49 6.53 44.30
N GLY B 231 -15.30 5.31 44.80
CA GLY B 231 -15.46 5.06 46.21
C GLY B 231 -16.51 4.01 46.53
N SER B 232 -16.33 3.31 47.64
CA SER B 232 -17.29 2.29 48.07
C SER B 232 -17.80 2.51 49.49
N GLY B 233 -16.93 2.91 50.41
CA GLY B 233 -17.29 3.04 51.81
C GLY B 233 -18.34 4.08 52.09
N ALA B 234 -19.40 3.68 52.81
CA ALA B 234 -20.48 4.58 53.20
C ALA B 234 -21.00 5.40 52.03
N SER B 235 -20.79 6.72 52.08
CA SER B 235 -21.19 7.62 51.03
C SER B 235 -19.99 8.26 50.36
N THR B 236 -18.81 7.64 50.50
CA THR B 236 -17.60 8.16 49.86
C THR B 236 -17.62 8.00 48.34
N ALA B 237 -18.57 7.25 47.80
CA ALA B 237 -18.71 7.14 46.35
C ALA B 237 -19.05 8.50 45.76
N VAL B 238 -18.34 8.86 44.70
CA VAL B 238 -18.53 10.15 44.03
C VAL B 238 -18.95 9.88 42.59
N GLU B 239 -20.07 10.48 42.18
CA GLU B 239 -20.59 10.32 40.82
C GLU B 239 -19.92 11.36 39.93
N TYR B 240 -18.72 11.00 39.46
CA TYR B 240 -17.91 11.90 38.64
C TYR B 240 -18.37 11.83 37.19
N THR B 241 -19.60 12.30 36.96
CA THR B 241 -20.14 12.32 35.61
C THR B 241 -19.31 13.24 34.72
N PHE B 242 -18.99 12.76 33.52
CA PHE B 242 -18.05 13.44 32.64
C PHE B 242 -18.87 14.29 31.68
N ASN B 243 -18.62 15.60 31.69
CA ASN B 243 -19.21 16.53 30.73
C ASN B 243 -18.20 16.77 29.63
N THR B 244 -18.26 15.94 28.59
CA THR B 244 -17.36 16.06 27.45
C THR B 244 -17.59 17.32 26.62
N ALA B 245 -18.71 18.03 26.84
CA ALA B 245 -18.88 19.32 26.18
C ALA B 245 -17.80 20.30 26.60
N SER B 246 -17.31 20.18 27.84
CA SER B 246 -16.22 21.00 28.34
C SER B 246 -14.99 20.19 28.73
N GLY B 247 -15.02 18.88 28.59
CA GLY B 247 -13.88 18.07 28.98
C GLY B 247 -13.62 18.06 30.47
N SER B 248 -14.64 18.35 31.28
CA SER B 248 -14.50 18.42 32.73
C SER B 248 -15.51 17.49 33.38
N PHE B 249 -15.10 16.87 34.49
CA PHE B 249 -15.93 15.93 35.22
C PHE B 249 -16.65 16.69 36.33
N THR B 250 -17.96 16.85 36.17
CA THR B 250 -18.74 17.48 37.22
C THR B 250 -19.11 16.46 38.29
N TYR B 251 -19.26 16.95 39.52
CA TYR B 251 -19.56 16.07 40.65
C TYR B 251 -20.13 16.91 41.79
N THR B 252 -20.98 16.28 42.58
CA THR B 252 -21.64 16.94 43.71
C THR B 252 -20.76 16.77 44.95
N ALA B 253 -19.86 17.72 45.15
CA ALA B 253 -18.98 17.70 46.31
C ALA B 253 -19.73 18.10 47.58
N ASN B 254 -19.23 17.63 48.72
CA ASN B 254 -19.91 17.85 50.00
C ASN B 254 -18.87 18.17 51.07
N ALA B 255 -19.09 19.25 51.80
CA ALA B 255 -18.28 19.64 52.93
C ALA B 255 -19.10 19.60 54.22
N THR B 256 -18.41 19.51 55.35
CA THR B 256 -19.11 19.29 56.62
C THR B 256 -18.66 20.17 57.78
N ASN B 257 -17.46 20.76 57.76
CA ASN B 257 -16.90 21.39 58.95
C ASN B 257 -16.95 22.91 58.82
N ALA B 258 -16.77 23.57 59.96
CA ALA B 258 -16.86 25.04 59.99
C ALA B 258 -15.79 25.69 59.13
N ALA B 259 -14.55 25.19 59.21
CA ALA B 259 -13.49 25.73 58.36
C ALA B 259 -13.80 25.50 56.89
N ALA B 260 -14.50 24.41 56.57
CA ALA B 260 -14.91 24.18 55.19
C ALA B 260 -15.85 25.26 54.71
N TYR B 261 -16.78 25.70 55.57
CA TYR B 261 -17.62 26.84 55.20
C TYR B 261 -16.83 28.15 55.20
N GLY B 262 -15.74 28.23 55.96
CA GLY B 262 -14.96 29.45 55.96
C GLY B 262 -14.12 29.61 54.70
N ASP B 263 -13.67 28.50 54.12
CA ASP B 263 -12.77 28.57 52.98
C ASP B 263 -13.47 29.08 51.73
N LEU B 264 -14.47 28.33 51.24
CA LEU B 264 -15.04 28.60 49.93
C LEU B 264 -15.77 29.94 49.90
N ALA B 265 -16.21 30.44 51.05
CA ALA B 265 -16.75 31.80 51.10
C ALA B 265 -15.66 32.82 50.80
N ASP B 266 -14.45 32.58 51.31
CA ASP B 266 -13.35 33.51 51.07
C ASP B 266 -12.80 33.38 49.66
N GLU B 267 -12.86 32.17 49.09
CA GLU B 267 -12.26 31.95 47.78
C GLU B 267 -12.89 32.84 46.72
N LEU B 268 -14.22 32.98 46.74
CA LEU B 268 -14.92 33.88 45.83
C LEU B 268 -15.14 35.20 46.55
N ILE B 269 -14.63 36.28 45.98
CA ILE B 269 -14.69 37.61 46.59
C ILE B 269 -14.29 38.66 45.56
N PRO B 270 -14.84 39.87 45.62
CA PRO B 270 -14.34 40.95 44.77
C PRO B 270 -12.98 41.42 45.24
N PRO B 271 -12.00 41.50 44.34
CA PRO B 271 -10.62 41.80 44.77
C PRO B 271 -10.46 43.14 45.47
N THR B 272 -10.75 44.25 44.78
CA THR B 272 -10.55 45.57 45.35
C THR B 272 -11.83 46.39 45.42
N GLY B 273 -12.55 46.56 44.31
CA GLY B 273 -13.70 47.43 44.28
C GLY B 273 -14.83 46.94 43.39
N SER B 274 -14.87 45.64 43.12
CA SER B 274 -15.90 45.06 42.28
C SER B 274 -17.10 44.63 43.14
N SER B 275 -18.14 44.17 42.47
CA SER B 275 -19.42 43.85 43.11
C SER B 275 -19.92 42.49 42.63
N ILE B 276 -19.06 41.47 42.70
CA ILE B 276 -19.45 40.13 42.29
C ILE B 276 -20.70 39.71 43.04
N THR B 277 -21.57 38.97 42.36
CA THR B 277 -22.92 38.73 42.83
C THR B 277 -23.26 37.26 42.67
N GLY B 278 -23.55 36.59 43.78
CA GLY B 278 -23.97 35.20 43.74
C GLY B 278 -25.42 35.02 44.15
N THR B 279 -26.08 34.06 43.49
CA THR B 279 -27.52 33.86 43.65
C THR B 279 -27.77 32.88 44.80
N TYR B 280 -27.98 33.42 45.99
CA TYR B 280 -28.34 32.59 47.14
C TYR B 280 -29.84 32.34 47.11
N GLU B 281 -30.23 31.10 46.82
CA GLU B 281 -31.62 30.73 46.59
C GLU B 281 -32.10 29.87 47.77
N PHE B 282 -32.91 30.47 48.62
CA PHE B 282 -33.53 29.76 49.74
C PHE B 282 -35.02 29.65 49.48
N ALA B 283 -35.64 28.63 50.08
CA ALA B 283 -37.05 28.36 49.88
C ALA B 283 -37.96 29.33 50.64
N ASP B 284 -37.42 30.43 51.14
CA ASP B 284 -38.24 31.43 51.82
C ASP B 284 -39.27 32.06 50.89
N GLY B 285 -39.07 31.96 49.58
CA GLY B 285 -40.03 32.48 48.63
C GLY B 285 -39.38 33.10 47.41
N ASN B 286 -38.07 33.26 47.44
CA ASN B 286 -37.35 33.89 46.33
C ASN B 286 -35.86 33.62 46.51
N VAL B 287 -35.09 33.92 45.47
CA VAL B 287 -33.64 33.87 45.54
C VAL B 287 -33.15 35.18 46.13
N ALA B 288 -32.67 35.14 47.37
CA ALA B 288 -32.20 36.35 48.04
C ALA B 288 -30.80 36.70 47.56
N THR B 289 -30.68 37.16 46.32
CA THR B 289 -29.37 37.48 45.75
C THR B 289 -28.78 38.71 46.44
N PHE B 290 -27.50 38.63 46.76
CA PHE B 290 -26.80 39.70 47.47
C PHE B 290 -25.94 40.50 46.50
N ALA B 291 -25.12 41.41 47.04
CA ALA B 291 -24.28 42.27 46.22
C ALA B 291 -22.90 42.43 46.84
N VAL B 292 -22.30 41.34 47.31
CA VAL B 292 -21.04 41.34 48.05
C VAL B 292 -19.99 42.25 47.42
N ASP B 293 -19.35 43.08 48.25
CA ASP B 293 -18.28 43.97 47.81
C ASP B 293 -17.05 43.74 48.67
N ALA B 294 -15.88 43.68 48.02
CA ALA B 294 -14.60 43.55 48.68
C ALA B 294 -14.56 42.32 49.59
N SER B 295 -13.59 42.27 50.51
CA SER B 295 -13.43 41.13 51.38
C SER B 295 -14.61 41.04 52.35
N GLY B 296 -15.33 39.93 52.31
CA GLY B 296 -16.52 39.78 53.12
C GLY B 296 -17.53 40.87 52.82
N LYS B 297 -18.11 41.43 53.87
CA LYS B 297 -18.99 42.60 53.77
C LYS B 297 -20.17 42.33 52.84
N LEU B 298 -20.80 41.17 53.04
CA LEU B 298 -21.98 40.82 52.27
C LEU B 298 -23.07 41.87 52.47
N THR B 299 -23.64 42.34 51.37
CA THR B 299 -24.61 43.42 51.40
C THR B 299 -25.80 43.10 50.52
N LEU B 300 -26.92 43.73 50.83
CA LEU B 300 -28.14 43.64 50.05
C LEU B 300 -28.60 45.04 49.71
N ASP B 301 -28.85 45.28 48.41
CA ASP B 301 -29.32 46.58 47.92
C ASP B 301 -28.35 47.70 48.26
N GLY B 302 -27.08 47.38 48.40
CA GLY B 302 -26.07 48.38 48.72
C GLY B 302 -25.94 48.72 50.19
N GLN B 303 -26.58 47.95 51.07
CA GLN B 303 -26.47 48.15 52.51
C GLN B 303 -26.07 46.84 53.16
N ALA B 304 -25.26 46.94 54.23
CA ALA B 304 -24.71 45.75 54.86
C ALA B 304 -25.83 44.80 55.29
N ALA B 305 -25.68 43.53 54.91
CA ALA B 305 -26.74 42.56 55.12
C ALA B 305 -26.66 41.94 56.52
N TYR B 306 -27.74 41.28 56.91
CA TYR B 306 -27.84 40.64 58.22
C TYR B 306 -28.64 39.35 58.07
N VAL B 307 -28.14 38.28 58.67
CA VAL B 307 -28.83 36.99 58.69
C VAL B 307 -29.79 36.98 59.87
N THR B 308 -30.96 36.38 59.68
CA THR B 308 -31.94 36.27 60.74
C THR B 308 -31.85 34.90 61.39
N ALA B 309 -32.79 34.59 62.30
CA ALA B 309 -32.81 33.28 62.93
C ALA B 309 -33.10 32.18 61.91
N THR B 310 -34.02 32.44 60.98
CA THR B 310 -34.41 31.48 59.97
C THR B 310 -33.50 31.48 58.75
N GLY B 311 -32.43 32.26 58.77
CA GLY B 311 -31.52 32.31 57.64
C GLY B 311 -31.94 33.26 56.54
N GLU B 312 -33.05 33.99 56.71
CA GLU B 312 -33.47 34.96 55.71
C GLU B 312 -32.47 36.10 55.65
N LEU B 313 -32.31 36.68 54.46
CA LEU B 313 -31.36 37.77 54.24
C LEU B 313 -32.10 39.11 54.32
N THR B 314 -31.60 40.00 55.18
CA THR B 314 -32.13 41.35 55.27
C THR B 314 -30.98 42.33 55.42
N ASN B 315 -31.22 43.57 55.01
CA ASN B 315 -30.19 44.60 54.98
C ASN B 315 -30.07 45.36 56.30
N ASN B 316 -30.87 45.01 57.31
CA ASN B 316 -30.79 45.68 58.60
C ASN B 316 -31.50 44.83 59.64
N ALA B 317 -30.80 44.52 60.72
CA ALA B 317 -31.32 43.73 61.84
C ALA B 317 -31.29 44.57 63.11
N THR B 318 -31.53 43.91 64.24
CA THR B 318 -31.47 44.55 65.54
C THR B 318 -30.09 45.19 65.76
N SER B 319 -30.03 46.14 66.70
CA SER B 319 -28.79 46.88 66.90
C SER B 319 -27.65 45.96 67.33
N GLY B 320 -27.93 45.03 68.23
CA GLY B 320 -26.91 44.11 68.71
C GLY B 320 -26.67 42.94 67.78
N ALA B 321 -26.22 43.23 66.56
CA ALA B 321 -25.94 42.19 65.59
C ALA B 321 -24.89 42.68 64.61
N THR B 322 -23.87 41.85 64.36
CA THR B 322 -22.85 42.18 63.38
C THR B 322 -23.40 41.98 61.98
N GLN B 323 -22.77 42.67 61.01
CA GLN B 323 -23.20 42.54 59.63
C GLN B 323 -22.96 41.12 59.13
N ALA B 324 -23.82 40.69 58.22
CA ALA B 324 -23.67 39.36 57.62
C ALA B 324 -22.52 39.37 56.61
N THR B 325 -21.60 38.43 56.76
CA THR B 325 -20.55 38.24 55.78
C THR B 325 -20.93 37.12 54.83
N LEU B 326 -20.11 36.94 53.79
CA LEU B 326 -20.32 35.81 52.89
C LEU B 326 -20.24 34.49 53.63
N GLU B 327 -19.28 34.37 54.56
CA GLU B 327 -19.18 33.17 55.36
C GLU B 327 -20.43 32.95 56.19
N ASP B 328 -21.07 34.03 56.65
CA ASP B 328 -22.30 33.90 57.43
C ASP B 328 -23.37 33.14 56.65
N LEU B 329 -23.78 33.69 55.50
CA LEU B 329 -24.80 33.03 54.68
C LEU B 329 -24.34 31.66 54.23
N PHE B 330 -23.06 31.51 53.92
CA PHE B 330 -22.63 30.28 53.26
C PHE B 330 -22.54 29.13 54.26
N ALA B 331 -22.10 29.42 55.49
CA ALA B 331 -22.16 28.42 56.55
C ALA B 331 -23.60 28.18 56.99
N THR B 332 -24.44 29.22 56.94
CA THR B 332 -25.85 29.02 57.22
C THR B 332 -26.47 28.05 56.22
N VAL B 333 -26.11 28.19 54.95
CA VAL B 333 -26.45 27.19 53.94
C VAL B 333 -25.92 25.82 54.37
N GLY B 334 -24.67 25.78 54.84
CA GLY B 334 -24.13 24.54 55.36
C GLY B 334 -24.95 23.98 56.51
N ALA B 335 -25.38 24.85 57.41
CA ALA B 335 -26.17 24.43 58.57
C ALA B 335 -27.67 24.52 58.32
N GLY B 336 -28.09 24.95 57.14
CA GLY B 336 -29.51 25.01 56.81
C GLY B 336 -30.26 26.17 57.44
N ALA B 337 -31.45 25.89 57.97
CA ALA B 337 -32.27 26.93 58.57
C ALA B 337 -33.20 26.29 59.59
N ALA B 338 -33.61 27.10 60.57
CA ALA B 338 -34.53 26.67 61.63
C ALA B 338 -34.04 25.41 62.32
N GLY B 339 -32.72 25.32 62.51
CA GLY B 339 -32.12 24.18 63.16
C GLY B 339 -32.30 22.88 62.39
N THR B 340 -33.13 21.99 62.93
CA THR B 340 -33.33 20.67 62.35
C THR B 340 -34.14 20.69 61.06
N ASP B 341 -34.69 21.85 60.68
CA ASP B 341 -35.48 21.93 59.45
C ASP B 341 -34.63 21.56 58.24
N THR B 342 -35.25 20.89 57.28
CA THR B 342 -34.53 20.46 56.09
C THR B 342 -33.92 21.64 55.36
N SER B 343 -34.72 22.67 55.09
CA SER B 343 -34.25 23.90 54.46
C SER B 343 -33.61 23.60 53.09
N ALA B 344 -34.48 23.22 52.16
CA ALA B 344 -34.02 22.91 50.81
C ALA B 344 -33.48 24.18 50.16
N ARG B 345 -32.17 24.36 50.26
CA ARG B 345 -31.51 25.64 50.06
C ARG B 345 -30.37 25.48 49.05
N SER B 346 -29.87 26.60 48.55
CA SER B 346 -28.80 26.59 47.56
C SER B 346 -28.11 27.95 47.55
N LEU B 347 -26.87 27.97 47.05
CA LEU B 347 -26.07 29.20 46.98
C LEU B 347 -25.41 29.25 45.59
N THR B 348 -26.25 29.22 44.56
CA THR B 348 -25.77 29.16 43.17
C THR B 348 -25.10 30.49 42.86
N VAL B 349 -23.82 30.58 43.20
CA VAL B 349 -23.06 31.82 43.11
C VAL B 349 -22.41 31.92 41.74
N GLY B 350 -22.97 32.77 40.87
CA GLY B 350 -22.45 33.04 39.55
C GLY B 350 -21.91 31.82 38.83
N GLY B 351 -22.75 30.80 38.65
CA GLY B 351 -22.24 29.52 38.21
C GLY B 351 -22.48 28.41 39.21
N VAL B 352 -21.40 27.97 39.87
CA VAL B 352 -21.41 26.84 40.79
C VAL B 352 -22.61 26.89 41.72
N THR B 353 -23.34 25.77 41.81
CA THR B 353 -24.58 25.68 42.56
C THR B 353 -24.30 25.07 43.92
N TYR B 354 -24.05 25.92 44.91
CA TYR B 354 -23.77 25.48 46.27
C TYR B 354 -25.09 25.13 46.95
N THR B 355 -25.57 23.91 46.71
CA THR B 355 -26.83 23.48 47.31
C THR B 355 -26.71 23.29 48.81
N GLY B 356 -25.53 22.91 49.30
CA GLY B 356 -25.33 22.84 50.74
C GLY B 356 -26.16 21.79 51.44
N ALA B 357 -26.36 20.63 50.82
CA ALA B 357 -27.09 19.50 51.40
C ALA B 357 -28.50 19.98 51.73
N GLY B 358 -28.91 19.98 53.00
CA GLY B 358 -30.25 20.42 53.33
C GLY B 358 -31.11 19.33 53.95
N THR B 359 -30.48 18.41 54.67
CA THR B 359 -31.25 17.44 55.45
C THR B 359 -31.00 17.64 56.93
N THR B 360 -29.74 17.54 57.35
CA THR B 360 -29.33 17.82 58.72
C THR B 360 -28.26 18.91 58.80
N ALA B 361 -27.20 18.77 58.02
CA ALA B 361 -26.08 19.71 58.01
C ALA B 361 -25.24 19.41 56.77
N GLY B 362 -24.07 20.04 56.68
CA GLY B 362 -23.14 19.76 55.62
C GLY B 362 -23.38 20.60 54.37
N LEU B 363 -22.48 20.42 53.42
CA LEU B 363 -22.46 21.19 52.17
C LEU B 363 -22.74 20.27 50.99
N SER B 364 -22.95 20.88 49.83
CA SER B 364 -23.15 20.17 48.58
C SER B 364 -23.14 21.19 47.44
N TYR B 365 -22.41 20.87 46.36
CA TYR B 365 -22.27 21.81 45.25
C TYR B 365 -21.73 21.07 44.04
N THR B 366 -22.27 21.41 42.87
CA THR B 366 -21.85 20.77 41.62
C THR B 366 -20.53 21.38 41.15
N ASP B 367 -19.45 20.95 41.80
CA ASP B 367 -18.13 21.40 41.43
C ASP B 367 -17.65 20.64 40.19
N THR B 368 -16.61 21.16 39.57
CA THR B 368 -16.04 20.57 38.36
C THR B 368 -14.57 20.26 38.61
N ALA B 369 -14.18 19.01 38.43
CA ALA B 369 -12.80 18.58 38.47
C ALA B 369 -12.37 18.18 37.05
N THR B 370 -11.13 17.71 36.93
CA THR B 370 -10.57 17.30 35.65
C THR B 370 -10.34 15.80 35.64
N SER B 371 -9.88 15.30 34.50
CA SER B 371 -9.59 13.87 34.38
C SER B 371 -8.47 13.46 35.32
N SER B 372 -7.44 14.31 35.46
CA SER B 372 -6.35 14.01 36.38
C SER B 372 -6.86 13.94 37.82
N ASP B 373 -7.80 14.82 38.18
CA ASP B 373 -8.34 14.81 39.53
C ASP B 373 -9.07 13.51 39.83
N VAL B 374 -9.92 13.06 38.88
CA VAL B 374 -10.65 11.82 39.09
C VAL B 374 -9.70 10.62 39.10
N LEU B 375 -8.67 10.66 38.26
CA LEU B 375 -7.68 9.59 38.27
C LEU B 375 -6.94 9.54 39.60
N ALA B 376 -6.59 10.69 40.16
CA ALA B 376 -5.93 10.73 41.45
C ALA B 376 -6.85 10.23 42.56
N ALA B 377 -8.13 10.63 42.52
CA ALA B 377 -9.07 10.17 43.53
C ALA B 377 -9.24 8.66 43.49
N SER B 378 -9.35 8.09 42.30
CA SER B 378 -9.52 6.65 42.14
C SER B 378 -8.16 5.95 42.01
N ALA B 379 -7.35 6.12 43.05
CA ALA B 379 -6.03 5.48 43.08
C ALA B 379 -5.92 4.57 44.29
N SER B 380 -6.66 4.88 45.34
CA SER B 380 -6.69 4.07 46.55
C SER B 380 -8.08 3.52 46.84
N THR B 381 -9.01 3.62 45.91
CA THR B 381 -10.37 3.14 46.08
C THR B 381 -10.90 2.60 44.77
N VAL B 382 -11.96 1.80 44.86
CA VAL B 382 -12.53 1.18 43.68
C VAL B 382 -13.25 2.23 42.83
N ALA B 383 -13.36 1.94 41.54
CA ALA B 383 -14.06 2.81 40.60
C ALA B 383 -14.92 1.97 39.67
N SER B 384 -15.97 2.58 39.14
CA SER B 384 -16.87 1.91 38.22
C SER B 384 -17.23 2.84 37.07
N ILE B 385 -17.24 2.30 35.85
CA ILE B 385 -17.50 3.07 34.64
C ILE B 385 -18.75 2.52 33.97
N GLU B 386 -19.69 3.41 33.67
CA GLU B 386 -20.92 3.05 32.95
C GLU B 386 -20.86 3.66 31.56
N MET B 387 -20.73 2.80 30.54
CA MET B 387 -20.58 3.25 29.15
C MET B 387 -21.92 3.11 28.42
N HIS B 388 -22.84 4.03 28.72
CA HIS B 388 -24.09 4.13 27.99
C HIS B 388 -23.85 4.88 26.67
N ASN B 389 -24.90 5.45 26.08
CA ASN B 389 -24.81 6.09 24.77
C ASN B 389 -24.51 5.05 23.69
N GLY B 390 -25.52 4.27 23.34
CA GLY B 390 -25.37 3.08 22.52
C GLY B 390 -26.14 1.91 23.09
N ILE B 391 -27.12 2.22 23.92
CA ILE B 391 -28.10 1.25 24.44
C ILE B 391 -27.41 0.22 25.34
N THR B 392 -26.35 -0.42 24.83
CA THR B 392 -25.59 -1.33 25.67
C THR B 392 -24.96 -0.55 26.82
N SER B 393 -24.82 -1.23 27.96
CA SER B 393 -24.28 -0.59 29.16
C SER B 393 -22.77 -0.73 29.28
N ALA B 394 -22.24 -1.94 29.12
CA ALA B 394 -20.80 -2.20 29.17
C ALA B 394 -20.16 -1.58 30.41
N THR B 395 -20.59 -2.07 31.57
CA THR B 395 -20.11 -1.57 32.85
C THR B 395 -18.78 -2.23 33.19
N ILE B 396 -17.79 -1.42 33.52
CA ILE B 396 -16.46 -1.92 33.87
C ILE B 396 -16.17 -1.50 35.31
N ASP B 397 -15.35 -2.30 35.99
CA ASP B 397 -14.96 -2.02 37.36
C ASP B 397 -13.45 -2.10 37.52
N PHE B 398 -12.95 -1.34 38.49
CA PHE B 398 -11.53 -1.30 38.82
C PHE B 398 -11.39 -1.33 40.33
N ASP B 399 -10.47 -2.17 40.82
CA ASP B 399 -10.22 -2.23 42.26
C ASP B 399 -9.34 -1.06 42.68
N ASN B 400 -9.08 -0.96 43.98
CA ASN B 400 -8.17 0.07 44.47
C ASN B 400 -6.76 -0.14 43.95
N THR B 401 -6.39 -1.39 43.65
CA THR B 401 -5.10 -1.65 43.02
C THR B 401 -5.05 -1.05 41.61
N GLY B 402 -6.14 -1.17 40.86
CA GLY B 402 -6.22 -0.62 39.52
C GLY B 402 -6.26 -1.64 38.40
N ALA B 403 -6.40 -2.92 38.72
CA ALA B 403 -6.46 -3.96 37.69
C ALA B 403 -7.89 -4.14 37.19
N GLN B 404 -8.02 -4.83 36.07
CA GLN B 404 -9.33 -5.10 35.50
C GLN B 404 -10.12 -6.04 36.40
N SER B 405 -11.37 -5.70 36.65
CA SER B 405 -12.23 -6.54 37.47
C SER B 405 -12.64 -7.79 36.71
N SER B 406 -12.58 -8.94 37.40
CA SER B 406 -13.07 -10.18 36.78
C SER B 406 -14.57 -10.09 36.50
N THR B 407 -15.33 -9.54 37.43
CA THR B 407 -16.76 -9.36 37.24
C THR B 407 -17.02 -8.24 36.24
N GLY B 408 -18.16 -8.34 35.56
CA GLY B 408 -18.52 -7.34 34.57
C GLY B 408 -17.78 -7.53 33.26
N THR B 409 -17.97 -6.56 32.38
CA THR B 409 -17.32 -6.60 31.07
C THR B 409 -15.84 -6.28 31.22
N GLN B 410 -14.99 -7.18 30.73
CA GLN B 410 -13.54 -7.01 30.81
C GLN B 410 -13.05 -6.51 29.45
N VAL B 411 -12.75 -5.22 29.39
CA VAL B 411 -12.31 -4.59 28.14
C VAL B 411 -10.80 -4.79 27.99
N TYR B 412 -10.37 -5.02 26.75
CA TYR B 412 -8.98 -5.27 26.44
C TYR B 412 -8.56 -4.40 25.26
N VAL B 413 -7.25 -4.19 25.14
CA VAL B 413 -6.67 -3.41 24.06
C VAL B 413 -5.82 -4.34 23.21
N ASP B 414 -6.10 -4.39 21.91
CA ASP B 414 -5.40 -5.28 21.00
C ASP B 414 -4.04 -4.70 20.64
N GLU B 415 -3.34 -5.35 19.72
CA GLU B 415 -2.08 -4.82 19.20
C GLU B 415 -2.29 -3.73 18.18
N ASP B 416 -3.53 -3.48 17.75
CA ASP B 416 -3.87 -2.40 16.84
C ASP B 416 -4.29 -1.14 17.57
N GLY B 417 -4.25 -1.12 18.90
CA GLY B 417 -4.67 0.03 19.64
C GLY B 417 -6.16 0.24 19.71
N GLN B 418 -6.95 -0.80 19.49
CA GLN B 418 -8.39 -0.72 19.51
C GLN B 418 -8.96 -1.50 20.69
N LEU B 419 -9.94 -0.91 21.35
CA LEU B 419 -10.58 -1.60 22.48
C LEU B 419 -11.42 -2.76 21.97
N THR B 420 -11.40 -3.86 22.72
CA THR B 420 -12.18 -5.03 22.35
C THR B 420 -12.44 -5.86 23.59
N THR B 421 -13.45 -6.72 23.50
CA THR B 421 -13.78 -7.65 24.56
C THR B 421 -13.10 -9.00 24.42
N VAL B 422 -12.36 -9.20 23.33
CA VAL B 422 -11.67 -10.47 23.09
C VAL B 422 -10.32 -10.37 23.80
N GLY B 423 -10.27 -10.87 25.03
CA GLY B 423 -9.03 -10.80 25.80
C GLY B 423 -7.93 -11.65 25.20
N SER B 424 -8.26 -12.85 24.73
CA SER B 424 -7.26 -13.74 24.16
C SER B 424 -7.91 -14.62 23.13
N TYR B 425 -7.08 -15.18 22.25
CA TYR B 425 -7.56 -16.09 21.22
C TYR B 425 -6.38 -16.87 20.64
N THR B 426 -6.63 -18.12 20.27
CA THR B 426 -5.59 -18.99 19.75
C THR B 426 -5.92 -19.35 18.30
N THR B 427 -4.92 -19.24 17.43
CA THR B 427 -5.04 -19.62 16.03
C THR B 427 -3.99 -20.67 15.71
N THR B 428 -4.42 -21.80 15.16
CA THR B 428 -3.53 -22.89 14.83
C THR B 428 -3.35 -22.97 13.32
N PHE B 429 -2.10 -22.97 12.88
CA PHE B 429 -1.72 -23.07 11.47
C PHE B 429 -1.00 -24.39 11.23
N ALA B 430 -1.09 -24.88 10.00
CA ALA B 430 -0.35 -26.06 9.58
C ALA B 430 0.71 -25.66 8.57
N VAL B 431 1.87 -26.30 8.65
CA VAL B 431 2.98 -26.02 7.75
C VAL B 431 3.03 -27.15 6.72
N ASN B 432 2.90 -26.80 5.45
CA ASN B 432 3.03 -27.78 4.38
C ASN B 432 4.49 -28.16 4.22
N ALA B 433 4.79 -29.44 4.45
CA ALA B 433 6.19 -29.89 4.44
C ALA B 433 6.82 -29.84 3.06
N ASP B 434 6.02 -29.80 1.99
CA ASP B 434 6.56 -29.84 0.64
C ASP B 434 6.90 -28.45 0.12
N THR B 435 5.90 -27.57 0.03
CA THR B 435 6.12 -26.24 -0.51
C THR B 435 6.52 -25.22 0.53
N GLY B 436 6.39 -25.54 1.81
CA GLY B 436 6.63 -24.58 2.87
C GLY B 436 5.47 -23.65 3.15
N GLU B 437 4.38 -23.78 2.42
CA GLU B 437 3.23 -22.91 2.63
C GLU B 437 2.63 -23.13 4.01
N VAL B 438 2.23 -22.04 4.66
CA VAL B 438 1.56 -22.07 5.95
C VAL B 438 0.12 -21.67 5.74
N THR B 439 -0.81 -22.50 6.24
CA THR B 439 -2.24 -22.24 6.13
C THR B 439 -2.88 -22.36 7.50
N VAL B 440 -3.81 -21.45 7.80
CA VAL B 440 -4.50 -21.49 9.07
C VAL B 440 -5.38 -22.73 9.14
N VAL B 441 -5.59 -23.22 10.35
CA VAL B 441 -6.38 -24.43 10.56
C VAL B 441 -7.53 -24.16 11.51
N ASP B 442 -7.21 -23.67 12.70
CA ASP B 442 -8.19 -23.52 13.77
C ASP B 442 -8.15 -22.10 14.30
N ASN B 443 -9.29 -21.65 14.83
CA ASN B 443 -9.40 -20.32 15.44
C ASN B 443 -10.35 -20.42 16.62
N SER B 444 -9.81 -20.25 17.84
CA SER B 444 -10.64 -20.29 19.04
C SER B 444 -11.66 -19.17 19.02
N ASP B 445 -11.25 -17.98 18.58
CA ASP B 445 -12.17 -16.86 18.44
C ASP B 445 -13.08 -17.13 17.25
N THR B 446 -14.06 -18.02 17.44
CA THR B 446 -14.84 -18.56 16.33
C THR B 446 -15.69 -17.50 15.63
N ALA B 447 -16.14 -16.47 16.35
CA ALA B 447 -16.98 -15.45 15.73
C ALA B 447 -16.43 -14.04 15.92
N GLY B 448 -15.20 -13.88 16.41
CA GLY B 448 -14.63 -12.58 16.61
C GLY B 448 -14.08 -11.98 15.33
N ASP B 449 -13.74 -10.69 15.41
CA ASP B 449 -13.23 -9.97 14.25
C ASP B 449 -11.81 -10.37 13.88
N TYR B 450 -11.09 -10.98 14.81
CA TYR B 450 -9.69 -11.36 14.59
C TYR B 450 -9.54 -12.75 14.00
N ALA B 451 -10.65 -13.40 13.67
CA ALA B 451 -10.58 -14.75 13.12
C ALA B 451 -10.17 -14.72 11.65
N LEU B 452 -9.17 -15.52 11.31
CA LEU B 452 -8.75 -15.70 9.93
C LEU B 452 -9.56 -16.83 9.31
N GLU B 453 -10.03 -16.61 8.08
CA GLU B 453 -10.83 -17.63 7.41
C GLU B 453 -10.01 -18.88 7.20
N GLU B 454 -10.60 -20.04 7.49
CA GLU B 454 -9.87 -21.29 7.49
C GLU B 454 -9.45 -21.70 6.09
N GLY B 455 -8.26 -22.27 5.97
CA GLY B 455 -7.77 -22.83 4.73
C GLY B 455 -7.03 -21.87 3.83
N ALA B 456 -7.03 -20.58 4.16
CA ALA B 456 -6.36 -19.59 3.33
C ALA B 456 -4.90 -19.46 3.72
N THR B 457 -4.06 -19.15 2.73
CA THR B 457 -2.65 -18.93 2.98
C THR B 457 -2.45 -17.66 3.80
N VAL B 458 -1.52 -17.72 4.75
CA VAL B 458 -1.22 -16.59 5.61
C VAL B 458 0.05 -15.92 5.11
N TYR B 459 -0.01 -14.60 4.96
CA TYR B 459 1.11 -13.79 4.53
C TYR B 459 1.55 -12.88 5.68
N VAL B 460 2.70 -12.26 5.50
CA VAL B 460 3.25 -11.32 6.47
C VAL B 460 2.93 -9.91 6.01
N GLY B 461 2.19 -9.17 6.82
CA GLY B 461 1.82 -7.83 6.47
C GLY B 461 3.01 -6.88 6.51
N SER B 462 2.80 -5.69 5.95
CA SER B 462 3.85 -4.67 5.98
C SER B 462 4.20 -4.29 7.42
N ASN B 463 3.25 -4.44 8.33
CA ASN B 463 3.48 -4.19 9.75
C ASN B 463 4.08 -5.39 10.46
N GLY B 464 4.43 -6.45 9.72
CA GLY B 464 5.09 -7.59 10.31
C GLY B 464 4.19 -8.58 11.01
N ARG B 465 2.88 -8.43 10.90
CA ARG B 465 1.94 -9.35 11.53
C ARG B 465 1.39 -10.33 10.51
N LEU B 466 1.03 -11.51 10.99
CA LEU B 466 0.46 -12.53 10.13
C LEU B 466 -0.95 -12.14 9.71
N THR B 467 -1.26 -12.35 8.43
CA THR B 467 -2.57 -11.99 7.91
C THR B 467 -2.85 -12.81 6.65
N THR B 468 -4.12 -12.89 6.29
CA THR B 468 -4.53 -13.54 5.06
C THR B 468 -4.52 -12.61 3.86
N SER B 469 -4.38 -11.31 4.08
CA SER B 469 -4.33 -10.36 2.97
C SER B 469 -3.00 -10.46 2.25
N THR B 470 -3.00 -10.08 0.97
CA THR B 470 -1.83 -10.26 0.12
C THR B 470 -1.26 -8.96 -0.43
N THR B 471 -1.89 -7.82 -0.17
CA THR B 471 -1.45 -6.54 -0.73
C THR B 471 -1.23 -5.53 0.40
N SER B 472 -0.82 -4.33 0.01
CA SER B 472 -0.54 -3.24 0.95
C SER B 472 -0.82 -1.91 0.24
N LYS B 473 -0.28 -0.82 0.78
CA LYS B 473 -0.54 0.53 0.26
C LYS B 473 0.78 1.29 0.21
N GLY B 474 0.70 2.62 0.13
CA GLY B 474 1.87 3.46 0.27
C GLY B 474 1.97 4.73 -0.57
N ASP B 475 1.32 4.76 -1.73
CA ASP B 475 1.23 5.99 -2.50
C ASP B 475 -0.08 6.70 -2.14
N VAL B 476 -0.52 7.65 -2.95
CA VAL B 476 -1.84 8.23 -2.73
C VAL B 476 -2.84 7.27 -3.36
N THR B 477 -3.20 6.23 -2.60
CA THR B 477 -4.16 5.24 -3.09
C THR B 477 -5.57 5.81 -3.07
N GLU B 478 -5.84 6.72 -2.14
CA GLU B 478 -7.05 7.51 -2.22
C GLU B 478 -7.10 8.21 -3.57
N ASP B 479 -8.29 8.22 -4.17
CA ASP B 479 -8.47 8.73 -5.52
C ASP B 479 -7.82 10.10 -5.65
N PRO B 480 -6.73 10.23 -6.40
CA PRO B 480 -6.03 11.52 -6.46
C PRO B 480 -6.82 12.58 -7.19
N LEU B 481 -7.48 12.21 -8.29
CA LEU B 481 -8.28 13.17 -9.03
C LEU B 481 -9.46 13.66 -8.20
N ALA B 482 -10.03 12.79 -7.36
CA ALA B 482 -11.09 13.23 -6.47
C ALA B 482 -10.59 14.25 -5.46
N ALA B 483 -9.40 14.02 -4.89
CA ALA B 483 -8.83 14.98 -3.96
C ALA B 483 -8.53 16.31 -4.64
N LEU B 484 -8.00 16.26 -5.85
CA LEU B 484 -7.74 17.49 -6.59
C LEU B 484 -9.04 18.23 -6.91
N ASP B 485 -10.09 17.48 -7.25
CA ASP B 485 -11.39 18.11 -7.48
C ASP B 485 -11.93 18.75 -6.21
N ALA B 486 -11.73 18.10 -5.06
CA ALA B 486 -12.16 18.70 -3.80
C ALA B 486 -11.40 19.99 -3.52
N ALA B 487 -10.09 20.00 -3.76
CA ALA B 487 -9.31 21.22 -3.56
C ALA B 487 -9.77 22.33 -4.50
N LEU B 488 -10.02 21.97 -5.77
CA LEU B 488 -10.53 22.94 -6.73
C LEU B 488 -11.89 23.48 -6.30
N ALA B 489 -12.74 22.61 -5.74
CA ALA B 489 -14.04 23.05 -5.27
C ALA B 489 -13.90 24.01 -4.10
N SER B 490 -12.97 23.75 -3.18
CA SER B 490 -12.76 24.68 -2.07
C SER B 490 -12.29 26.04 -2.58
N VAL B 491 -11.35 26.04 -3.52
CA VAL B 491 -10.87 27.30 -4.08
C VAL B 491 -11.99 28.04 -4.80
N ASP B 492 -12.82 27.30 -5.55
CA ASP B 492 -13.93 27.92 -6.26
C ASP B 492 -14.95 28.50 -5.29
N ALA B 493 -15.21 27.80 -4.18
CA ALA B 493 -16.14 28.31 -3.19
C ALA B 493 -15.64 29.62 -2.59
N LEU B 494 -14.36 29.67 -2.23
CA LEU B 494 -13.82 30.91 -1.69
C LEU B 494 -13.85 32.02 -2.72
N ARG B 495 -13.56 31.70 -3.99
CA ARG B 495 -13.61 32.71 -5.03
C ARG B 495 -15.01 33.23 -5.24
N SER B 496 -16.01 32.34 -5.18
CA SER B 496 -17.40 32.76 -5.30
C SER B 496 -17.81 33.68 -4.16
N ASP B 497 -17.38 33.35 -2.94
CA ASP B 497 -17.65 34.24 -1.81
C ASP B 497 -17.03 35.60 -2.02
N LEU B 498 -15.78 35.64 -2.50
CA LEU B 498 -15.12 36.91 -2.74
C LEU B 498 -15.81 37.71 -3.84
N GLY B 499 -16.27 37.04 -4.89
CA GLY B 499 -16.99 37.74 -5.95
C GLY B 499 -18.29 38.33 -5.46
N ALA B 500 -19.03 37.58 -4.65
CA ALA B 500 -20.24 38.12 -4.04
C ALA B 500 -19.93 39.33 -3.18
N ILE B 501 -18.84 39.26 -2.41
CA ILE B 501 -18.44 40.40 -1.59
C ILE B 501 -18.09 41.61 -2.45
N GLN B 502 -17.43 41.39 -3.58
CA GLN B 502 -17.11 42.49 -4.47
C GLN B 502 -18.37 43.15 -5.01
N ASN B 503 -19.36 42.34 -5.42
CA ASN B 503 -20.62 42.91 -5.90
C ASN B 503 -21.32 43.70 -4.79
N ARG B 504 -21.30 43.15 -3.57
CA ARG B 504 -21.92 43.84 -2.44
C ARG B 504 -21.23 45.17 -2.16
N PHE B 505 -19.90 45.20 -2.27
CA PHE B 505 -19.17 46.44 -2.07
C PHE B 505 -19.47 47.45 -3.17
N ASP B 506 -19.64 46.99 -4.41
CA ASP B 506 -20.05 47.90 -5.48
C ASP B 506 -21.41 48.54 -5.17
N SER B 507 -22.37 47.72 -4.75
CA SER B 507 -23.67 48.25 -4.39
C SER B 507 -23.58 49.22 -3.22
N ALA B 508 -22.75 48.88 -2.23
CA ALA B 508 -22.57 49.75 -1.08
C ALA B 508 -21.98 51.09 -1.49
N ILE B 509 -21.01 51.07 -2.40
CA ILE B 509 -20.41 52.33 -2.87
C ILE B 509 -21.44 53.17 -3.61
N ASN B 510 -22.26 52.54 -4.46
CA ASN B 510 -23.31 53.29 -5.14
C ASN B 510 -24.25 53.94 -4.14
N ASN B 511 -24.67 53.17 -3.13
CA ASN B 511 -25.58 53.69 -2.12
C ASN B 511 -24.95 54.83 -1.34
N LEU B 512 -23.67 54.69 -0.98
CA LEU B 512 -22.99 55.76 -0.25
C LEU B 512 -22.89 57.01 -1.09
N SER B 513 -22.60 56.88 -2.38
CA SER B 513 -22.52 58.05 -3.25
C SER B 513 -23.87 58.76 -3.32
N THR B 514 -24.95 57.99 -3.53
CA THR B 514 -26.27 58.61 -3.61
C THR B 514 -26.64 59.29 -2.31
N THR B 515 -26.40 58.63 -1.17
CA THR B 515 -26.74 59.21 0.12
C THR B 515 -25.92 60.46 0.40
N THR B 516 -24.63 60.44 0.04
CA THR B 516 -23.79 61.62 0.25
C THR B 516 -24.28 62.78 -0.59
N THR B 517 -24.65 62.52 -1.84
CA THR B 517 -25.17 63.61 -2.68
C THR B 517 -26.46 64.17 -2.10
N ASN B 518 -27.37 63.30 -1.67
CA ASN B 518 -28.66 63.75 -1.15
C ASN B 518 -28.48 64.53 0.15
N LEU B 519 -27.62 64.05 1.04
CA LEU B 519 -27.38 64.78 2.28
C LEU B 519 -26.65 66.09 2.03
N SER B 520 -25.79 66.15 1.02
CA SER B 520 -25.16 67.41 0.65
C SER B 520 -26.20 68.41 0.18
N ALA B 521 -27.16 67.96 -0.63
CA ALA B 521 -28.25 68.83 -1.05
C ALA B 521 -29.06 69.31 0.15
N ALA B 522 -29.36 68.39 1.08
CA ALA B 522 -30.14 68.76 2.25
C ALA B 522 -29.42 69.79 3.11
N ARG B 523 -28.11 69.60 3.31
CA ARG B 523 -27.34 70.57 4.08
C ARG B 523 -27.21 71.89 3.35
N SER B 524 -27.14 71.85 2.02
CA SER B 524 -27.11 73.08 1.24
C SER B 524 -28.39 73.88 1.44
N ARG B 525 -29.53 73.18 1.48
CA ARG B 525 -30.81 73.88 1.66
C ARG B 525 -30.88 74.59 3.00
N ILE B 526 -30.02 74.23 3.94
CA ILE B 526 -30.04 74.85 5.28
C ILE B 526 -28.96 75.90 5.42
N GLU B 527 -27.71 75.58 5.06
CA GLU B 527 -26.57 76.44 5.33
C GLU B 527 -26.27 77.42 4.20
N ASP B 528 -26.40 76.99 2.95
CA ASP B 528 -25.92 77.79 1.84
C ASP B 528 -26.74 79.06 1.69
N ALA B 529 -26.05 80.16 1.43
CA ALA B 529 -26.69 81.45 1.19
C ALA B 529 -27.17 81.53 -0.26
N ASP B 530 -27.98 82.56 -0.53
CA ASP B 530 -28.43 82.84 -1.88
C ASP B 530 -27.75 84.11 -2.36
N TYR B 531 -27.25 84.08 -3.60
CA TYR B 531 -26.81 85.32 -4.24
C TYR B 531 -27.93 86.35 -4.24
N ALA B 532 -29.10 85.97 -4.74
CA ALA B 532 -30.15 86.94 -4.98
C ALA B 532 -30.62 87.59 -3.70
N VAL B 533 -30.98 86.79 -2.70
CA VAL B 533 -31.53 87.33 -1.46
C VAL B 533 -30.51 88.18 -0.72
N GLU B 534 -29.27 87.70 -0.59
CA GLU B 534 -28.28 88.45 0.16
C GLU B 534 -27.81 89.71 -0.55
N VAL B 535 -27.70 89.69 -1.87
CA VAL B 535 -27.39 90.92 -2.59
C VAL B 535 -28.55 91.91 -2.55
N ALA B 536 -29.79 91.43 -2.60
CA ALA B 536 -30.93 92.33 -2.44
C ALA B 536 -30.92 92.98 -1.06
N ASN B 537 -30.63 92.20 -0.02
CA ASN B 537 -30.55 92.75 1.33
C ASN B 537 -29.41 93.73 1.44
N MET B 538 -28.26 93.43 0.83
CA MET B 538 -27.14 94.37 0.80
C MET B 538 -27.54 95.69 0.17
N THR B 539 -28.20 95.63 -0.99
CA THR B 539 -28.57 96.85 -1.70
C THR B 539 -29.58 97.66 -0.89
N LYS B 540 -30.58 96.99 -0.30
CA LYS B 540 -31.55 97.69 0.52
C LYS B 540 -30.88 98.35 1.72
N ALA B 541 -29.97 97.64 2.38
CA ALA B 541 -29.28 98.20 3.53
C ALA B 541 -28.41 99.38 3.14
N GLN B 542 -27.77 99.32 1.97
CA GLN B 542 -26.97 100.45 1.51
C GLN B 542 -27.85 101.67 1.23
N ILE B 543 -28.99 101.46 0.59
CA ILE B 543 -29.90 102.58 0.31
C ILE B 543 -30.38 103.19 1.61
N LEU B 544 -30.76 102.35 2.58
CA LEU B 544 -31.19 102.86 3.88
C LEU B 544 -30.05 103.56 4.60
N GLN B 545 -28.83 103.09 4.45
CA GLN B 545 -27.68 103.77 5.04
C GLN B 545 -27.53 105.18 4.49
N GLN B 546 -27.60 105.32 3.16
CA GLN B 546 -27.46 106.64 2.56
C GLN B 546 -28.61 107.55 2.97
N ALA B 547 -29.84 107.02 2.97
CA ALA B 547 -30.99 107.81 3.36
C ALA B 547 -30.88 108.25 4.82
N GLY B 548 -30.45 107.34 5.69
CA GLY B 548 -30.32 107.69 7.10
C GLY B 548 -29.25 108.73 7.34
N THR B 549 -28.12 108.62 6.64
CA THR B 549 -27.08 109.63 6.77
C THR B 549 -27.57 110.99 6.30
N SER B 550 -28.28 111.03 5.17
CA SER B 550 -28.83 112.30 4.69
C SER B 550 -29.81 112.89 5.70
N VAL B 551 -30.70 112.04 6.23
CA VAL B 551 -31.72 112.52 7.17
C VAL B 551 -31.06 113.01 8.45
N LEU B 552 -30.03 112.31 8.92
CA LEU B 552 -29.33 112.73 10.13
C LEU B 552 -28.59 114.05 9.92
N ALA B 553 -27.96 114.22 8.75
CA ALA B 553 -27.30 115.48 8.46
C ALA B 553 -28.31 116.62 8.42
N GLN B 554 -29.49 116.38 7.83
CA GLN B 554 -30.53 117.40 7.85
C GLN B 554 -31.02 117.69 9.26
N ALA B 555 -31.23 116.63 10.05
CA ALA B 555 -31.81 116.79 11.38
C ALA B 555 -30.85 117.52 12.31
N ASN B 556 -29.57 117.42 12.07
CA ASN B 556 -28.66 118.21 12.90
C ASN B 556 -28.76 119.72 12.62
N GLN B 557 -29.69 120.18 11.77
CA GLN B 557 -29.78 121.58 11.39
C GLN B 557 -31.02 122.29 11.87
N VAL B 558 -32.10 121.57 12.19
CA VAL B 558 -33.33 122.19 12.67
C VAL B 558 -33.11 122.95 13.98
N PRO B 559 -32.37 122.42 14.99
CA PRO B 559 -32.28 123.17 16.24
C PRO B 559 -31.42 124.40 16.05
N GLN B 560 -30.62 124.43 14.97
CA GLN B 560 -29.90 125.64 14.64
C GLN B 560 -30.85 126.81 14.37
N SER B 561 -31.86 126.59 13.53
CA SER B 561 -32.88 127.61 13.33
C SER B 561 -33.67 127.86 14.60
N VAL B 562 -34.05 126.80 15.32
CA VAL B 562 -34.89 126.98 16.51
C VAL B 562 -34.17 127.84 17.55
N LEU B 563 -32.90 127.55 17.81
CA LEU B 563 -32.14 128.32 18.77
C LEU B 563 -31.67 129.65 18.20
N SER B 564 -31.70 129.81 16.87
CA SER B 564 -31.61 131.15 16.31
C SER B 564 -32.83 131.97 16.66
N LEU B 565 -33.99 131.30 16.81
CA LEU B 565 -35.16 131.97 17.35
C LEU B 565 -35.14 132.07 18.88
N LEU B 566 -34.58 131.07 19.56
CA LEU B 566 -34.43 131.10 21.02
C LEU B 566 -33.02 131.48 21.44
N GLY B 567 -32.37 132.38 20.69
CA GLY B 567 -31.06 132.89 21.04
C GLY B 567 -30.82 134.28 20.50
#